data_3B8P
#
_entry.id   3B8P
#
_cell.length_a   87.972
_cell.length_b   112.744
_cell.length_c   170.929
_cell.angle_alpha   90.00
_cell.angle_beta   97.34
_cell.angle_gamma   90.00
#
_symmetry.space_group_name_H-M   'C 1 2 1'
#
_entity_poly.entity_id   1
_entity_poly.type   'polypeptide(L)'
_entity_poly.pdbx_seq_one_letter_code
;GSEKWTSTAIITQPDAAQVATYTNALNVLYGGNAPKISEVQANFISRFSSAFSALSEVLDNQKEREKLTIEQSVKGQALP
LSVSYVSTTAEGAQRRLAEYIQQVDEEVAKELEVDLKDNITLQTKTLQESLETQEVVAQEQKDLRIKQIEEALRYADEAK
ITQPQIQQTQDVTQDT(MSE)FLLGSDALKS(MSE)IQNEATRPLVFSPAYYQTKQTLLDIKNLKVTADTVHVYRYV
(MSE)KPTLPVRRDSPKT
;
_entity_poly.pdbx_strand_id   A,B,C,D,E
#
# COMPACT_ATOMS: atom_id res chain seq x y z
N GLU A 3 41.95 -11.61 -9.22
CA GLU A 3 41.64 -12.58 -8.12
C GLU A 3 40.38 -12.14 -7.30
N LYS A 4 39.47 -11.42 -7.99
CA LYS A 4 38.15 -10.98 -7.48
C LYS A 4 37.01 -11.62 -8.32
N TRP A 5 36.10 -12.34 -7.67
CA TRP A 5 34.97 -13.02 -8.36
C TRP A 5 33.65 -12.84 -7.58
N THR A 6 32.60 -12.28 -8.16
CA THR A 6 31.41 -12.15 -7.33
C THR A 6 30.55 -13.40 -7.49
N SER A 7 29.83 -13.77 -6.43
CA SER A 7 28.84 -14.85 -6.48
C SER A 7 27.54 -14.23 -6.07
N THR A 8 26.46 -14.51 -6.79
CA THR A 8 25.16 -13.96 -6.47
C THR A 8 24.13 -15.05 -6.13
N ALA A 9 23.16 -14.73 -5.28
CA ALA A 9 22.00 -15.60 -4.96
C ALA A 9 20.79 -14.73 -5.09
N ILE A 10 19.61 -15.33 -5.34
CA ILE A 10 18.34 -14.59 -5.36
C ILE A 10 17.49 -15.23 -4.30
N ILE A 11 17.03 -14.43 -3.34
CA ILE A 11 16.24 -14.88 -2.21
C ILE A 11 14.93 -14.10 -2.08
N THR A 12 13.88 -14.74 -1.57
CA THR A 12 12.57 -14.11 -1.44
C THR A 12 11.97 -14.34 -0.05
N GLN A 13 10.72 -13.93 0.17
CA GLN A 13 10.13 -14.09 1.49
C GLN A 13 9.92 -15.57 1.80
N PRO A 14 9.95 -15.93 3.08
CA PRO A 14 9.76 -17.32 3.33
C PRO A 14 8.33 -17.70 3.01
N ASP A 15 8.15 -18.88 2.43
CA ASP A 15 6.79 -19.40 2.18
C ASP A 15 6.05 -19.67 3.49
N ALA A 16 4.75 -19.93 3.37
CA ALA A 16 3.84 -20.16 4.51
C ALA A 16 4.33 -21.27 5.45
N ALA A 17 4.65 -22.43 4.87
CA ALA A 17 5.20 -23.55 5.60
C ALA A 17 6.39 -23.16 6.50
N GLN A 18 7.39 -22.44 6.01
CA GLN A 18 8.55 -22.04 6.85
C GLN A 18 8.23 -21.07 7.99
N VAL A 19 6.98 -20.61 8.00
CA VAL A 19 6.49 -19.61 8.91
C VAL A 19 5.43 -20.21 9.85
N ALA A 20 4.99 -21.45 9.51
CA ALA A 20 3.96 -22.24 10.26
C ALA A 20 4.05 -22.08 11.78
N THR A 21 5.14 -22.58 12.35
CA THR A 21 5.48 -22.48 13.75
C THR A 21 5.11 -21.11 14.33
N TYR A 22 5.82 -20.07 13.88
CA TYR A 22 5.66 -18.73 14.41
C TYR A 22 4.26 -18.13 14.14
N THR A 23 3.66 -18.50 13.01
CA THR A 23 2.34 -18.01 12.69
C THR A 23 1.29 -18.60 13.66
N ASN A 24 1.45 -19.90 14.03
CA ASN A 24 0.56 -20.59 14.98
C ASN A 24 0.59 -19.96 16.33
N ALA A 25 1.78 -19.96 16.93
CA ALA A 25 2.01 -19.35 18.21
C ALA A 25 1.48 -17.92 18.28
N LEU A 26 1.54 -17.18 17.18
CA LEU A 26 0.99 -15.82 17.19
C LEU A 26 -0.58 -15.86 17.28
N ASN A 27 -1.25 -16.87 16.68
CA ASN A 27 -2.73 -17.02 16.76
C ASN A 27 -3.14 -17.43 18.15
N VAL A 28 -2.49 -18.49 18.65
CA VAL A 28 -2.70 -19.04 19.98
C VAL A 28 -2.64 -17.91 21.01
N LEU A 29 -1.57 -17.12 20.97
CA LEU A 29 -1.44 -16.00 21.87
C LEU A 29 -2.38 -14.82 21.55
N TYR A 30 -3.00 -14.74 20.36
CA TYR A 30 -3.84 -13.56 20.02
C TYR A 30 -5.14 -13.72 19.21
N GLY A 31 -5.27 -14.80 18.45
CA GLY A 31 -6.43 -15.11 17.58
C GLY A 31 -6.98 -14.12 16.56
N GLY A 32 -7.68 -13.13 17.07
CA GLY A 32 -8.37 -12.16 16.24
C GLY A 32 -7.46 -11.10 15.75
N ASN A 33 -6.78 -10.42 16.66
CA ASN A 33 -5.81 -9.38 16.33
C ASN A 33 -4.45 -9.97 15.80
N ALA A 34 -4.30 -11.31 15.82
CA ALA A 34 -3.11 -12.02 15.31
C ALA A 34 -2.92 -11.76 13.82
N PRO A 35 -1.72 -11.26 13.42
CA PRO A 35 -1.30 -10.93 12.05
C PRO A 35 -1.46 -12.05 11.06
N LYS A 36 -1.89 -11.70 9.86
CA LYS A 36 -2.10 -12.69 8.81
C LYS A 36 -0.77 -13.32 8.40
N ILE A 37 -0.78 -14.55 7.84
CA ILE A 37 0.43 -15.21 7.33
C ILE A 37 1.16 -14.23 6.44
N SER A 38 0.46 -13.67 5.42
CA SER A 38 0.98 -12.62 4.51
C SER A 38 1.87 -11.70 5.25
N GLU A 39 1.33 -11.11 6.31
CA GLU A 39 2.05 -10.14 7.08
C GLU A 39 3.28 -10.70 7.75
N VAL A 40 3.19 -11.90 8.31
CA VAL A 40 4.34 -12.48 9.01
C VAL A 40 5.47 -12.68 7.99
N GLN A 41 5.13 -13.36 6.89
CA GLN A 41 6.03 -13.58 5.79
C GLN A 41 6.82 -12.32 5.42
N ALA A 42 6.10 -11.22 5.25
CA ALA A 42 6.65 -9.95 4.93
C ALA A 42 7.55 -9.52 6.04
N ASN A 43 7.08 -9.53 7.28
CA ASN A 43 7.93 -9.05 8.37
C ASN A 43 9.25 -9.76 8.40
N PHE A 44 9.23 -11.06 8.18
CA PHE A 44 10.43 -11.88 8.23
C PHE A 44 11.46 -11.45 7.24
N ILE A 45 11.12 -11.50 5.95
CA ILE A 45 12.02 -11.06 4.87
C ILE A 45 12.51 -9.66 5.10
N SER A 46 11.63 -8.79 5.58
CA SER A 46 12.01 -7.48 5.93
C SER A 46 13.11 -7.51 6.98
N ARG A 47 12.91 -8.31 8.03
CA ARG A 47 13.91 -8.40 9.09
C ARG A 47 15.24 -8.89 8.58
N PHE A 48 15.24 -9.91 7.72
CA PHE A 48 16.42 -10.46 7.08
C PHE A 48 17.15 -9.39 6.34
N SER A 49 16.45 -8.72 5.42
CA SER A 49 17.08 -7.78 4.49
C SER A 49 17.70 -6.63 5.18
N SER A 50 17.08 -6.21 6.26
CA SER A 50 17.59 -5.15 7.06
C SER A 50 18.90 -5.59 7.73
N ALA A 51 18.93 -6.80 8.23
CA ALA A 51 20.09 -7.31 8.92
C ALA A 51 21.27 -7.51 8.00
N PHE A 52 20.98 -8.05 6.82
CA PHE A 52 21.96 -8.33 5.78
C PHE A 52 22.54 -7.04 5.26
N SER A 53 21.76 -5.96 5.25
CA SER A 53 22.30 -4.74 4.79
C SER A 53 23.16 -4.11 5.89
N ALA A 54 23.14 -4.67 7.08
CA ALA A 54 23.98 -4.11 8.10
C ALA A 54 25.29 -4.80 8.03
N LEU A 55 25.24 -6.11 7.86
CA LEU A 55 26.39 -6.98 7.73
C LEU A 55 27.21 -6.40 6.64
N SER A 56 26.53 -6.08 5.54
CA SER A 56 27.13 -5.43 4.42
C SER A 56 27.96 -4.24 4.86
N GLU A 57 27.37 -3.27 5.52
CA GLU A 57 28.12 -2.12 6.04
C GLU A 57 29.30 -2.44 6.92
N VAL A 58 29.12 -3.42 7.84
CA VAL A 58 30.15 -3.90 8.79
C VAL A 58 31.32 -4.29 7.98
N LEU A 59 31.06 -5.23 7.07
CA LEU A 59 32.04 -5.80 6.21
C LEU A 59 32.86 -4.88 5.33
N ASP A 60 32.35 -3.71 5.07
CA ASP A 60 33.04 -2.83 4.22
C ASP A 60 33.87 -1.99 5.08
N ASN A 61 33.50 -1.85 6.35
CA ASN A 61 34.27 -1.05 7.33
C ASN A 61 35.15 -1.93 8.16
N GLN A 62 35.49 -3.07 7.58
CA GLN A 62 36.44 -3.92 8.20
C GLN A 62 37.84 -3.41 7.86
N LYS A 63 38.85 -3.99 8.52
CA LYS A 63 40.21 -3.67 8.24
C LYS A 63 40.46 -4.41 6.93
N GLU A 64 40.08 -5.68 6.86
CA GLU A 64 40.33 -6.44 5.67
C GLU A 64 39.03 -6.46 4.86
N ARG A 65 38.71 -5.33 4.23
CA ARG A 65 37.47 -5.05 3.43
C ARG A 65 36.86 -6.21 2.68
N GLU A 66 35.54 -6.38 2.84
CA GLU A 66 34.73 -7.37 2.14
C GLU A 66 33.55 -6.65 1.45
N LYS A 67 33.13 -7.14 0.27
CA LYS A 67 31.97 -6.53 -0.42
C LYS A 67 30.85 -7.57 -0.54
N LEU A 68 29.83 -7.34 0.26
CA LEU A 68 28.60 -8.12 0.28
C LEU A 68 27.53 -7.12 0.03
N THR A 69 26.62 -7.42 -0.89
CA THR A 69 25.56 -6.48 -1.32
C THR A 69 24.13 -7.07 -1.35
N ILE A 70 23.13 -6.20 -1.23
CA ILE A 70 21.74 -6.61 -1.36
C ILE A 70 20.97 -5.57 -2.14
N GLU A 71 20.38 -6.03 -3.22
CA GLU A 71 19.59 -5.14 -4.03
C GLU A 71 18.40 -5.87 -4.58
N GLN A 72 17.35 -5.10 -4.86
CA GLN A 72 16.17 -5.66 -5.52
C GLN A 72 16.57 -6.15 -6.90
N SER A 73 16.20 -7.38 -7.17
CA SER A 73 16.45 -8.03 -8.39
C SER A 73 15.79 -7.31 -9.52
N VAL A 74 14.58 -6.79 -9.36
CA VAL A 74 13.98 -6.04 -10.48
C VAL A 74 13.82 -4.67 -9.89
N LYS A 75 14.75 -3.75 -10.24
CA LYS A 75 14.79 -2.40 -9.63
C LYS A 75 13.36 -1.87 -9.65
N GLY A 76 12.80 -1.69 -8.46
CA GLY A 76 11.44 -1.21 -8.38
C GLY A 76 10.49 -2.15 -7.68
N GLN A 77 10.69 -3.46 -7.81
CA GLN A 77 9.85 -4.50 -7.22
C GLN A 77 10.39 -4.86 -5.92
N ALA A 78 9.51 -5.08 -4.94
CA ALA A 78 9.94 -5.39 -3.60
C ALA A 78 10.61 -6.70 -3.49
N LEU A 79 10.03 -7.77 -4.01
CA LEU A 79 10.73 -9.07 -4.02
C LEU A 79 10.91 -9.52 -5.46
N PRO A 80 11.92 -10.35 -5.78
CA PRO A 80 12.97 -10.92 -4.95
C PRO A 80 14.12 -9.97 -4.80
N LEU A 81 15.02 -10.34 -3.92
CA LEU A 81 16.19 -9.61 -3.58
C LEU A 81 17.28 -10.46 -4.08
N SER A 82 18.28 -9.81 -4.65
CA SER A 82 19.42 -10.56 -5.07
C SER A 82 20.64 -10.08 -4.37
N VAL A 83 21.24 -11.04 -3.65
CA VAL A 83 22.43 -10.81 -2.83
C VAL A 83 23.65 -11.34 -3.51
N SER A 84 24.74 -10.58 -3.40
CA SER A 84 26.01 -11.01 -4.00
C SER A 84 27.21 -10.73 -3.11
N TYR A 85 28.29 -11.45 -3.36
CA TYR A 85 29.55 -11.39 -2.60
C TYR A 85 30.79 -11.66 -3.44
N VAL A 86 31.79 -10.78 -3.34
CA VAL A 86 33.08 -10.83 -4.09
C VAL A 86 34.13 -11.49 -3.21
N SER A 87 35.00 -12.33 -3.79
CA SER A 87 36.06 -13.06 -3.06
C SER A 87 37.25 -13.51 -3.92
N THR A 88 38.28 -14.03 -3.23
CA THR A 88 39.57 -14.62 -3.69
C THR A 88 39.38 -15.59 -4.83
N THR A 89 38.58 -16.64 -4.63
CA THR A 89 38.31 -17.65 -5.65
C THR A 89 36.82 -17.79 -5.91
N ALA A 90 36.48 -18.41 -7.04
CA ALA A 90 35.09 -18.64 -7.47
C ALA A 90 34.32 -19.39 -6.44
N GLU A 91 34.87 -20.49 -5.93
CA GLU A 91 34.12 -21.24 -4.91
C GLU A 91 34.29 -20.60 -3.55
N GLY A 92 35.21 -19.66 -3.43
CA GLY A 92 35.40 -18.94 -2.18
C GLY A 92 34.16 -18.12 -1.93
N ALA A 93 33.79 -17.37 -2.98
CA ALA A 93 32.63 -16.50 -3.09
C ALA A 93 31.36 -17.27 -2.86
N GLN A 94 31.19 -18.35 -3.62
CA GLN A 94 30.04 -19.23 -3.51
C GLN A 94 29.93 -19.76 -2.11
N ARG A 95 31.07 -20.11 -1.47
CA ARG A 95 31.06 -20.70 -0.09
C ARG A 95 30.61 -19.65 0.89
N ARG A 96 31.35 -18.54 0.90
CA ARG A 96 31.10 -17.47 1.81
C ARG A 96 29.72 -16.85 1.71
N LEU A 97 29.20 -16.70 0.48
CA LEU A 97 27.87 -16.13 0.27
C LEU A 97 26.93 -16.91 1.13
N ALA A 98 26.82 -18.20 0.83
CA ALA A 98 25.97 -19.11 1.55
C ALA A 98 26.08 -18.99 3.07
N GLU A 99 27.31 -18.86 3.54
CA GLU A 99 27.59 -18.81 4.96
C GLU A 99 26.97 -17.58 5.52
N TYR A 100 27.28 -16.47 4.88
CA TYR A 100 26.74 -15.21 5.29
C TYR A 100 25.20 -15.14 5.30
N ILE A 101 24.58 -15.90 4.40
CA ILE A 101 23.17 -15.94 4.28
C ILE A 101 22.69 -16.66 5.52
N GLN A 102 23.27 -17.85 5.82
CA GLN A 102 22.82 -18.58 7.03
C GLN A 102 23.08 -17.73 8.26
N GLN A 103 24.19 -16.98 8.26
CA GLN A 103 24.57 -16.16 9.38
C GLN A 103 23.49 -15.17 9.78
N VAL A 104 22.98 -14.45 8.79
CA VAL A 104 21.92 -13.47 8.95
C VAL A 104 20.66 -14.19 9.32
N ASP A 105 20.32 -15.25 8.57
CA ASP A 105 19.13 -16.02 8.83
C ASP A 105 19.07 -16.33 10.32
N GLU A 106 20.04 -17.09 10.78
CA GLU A 106 20.14 -17.47 12.14
C GLU A 106 20.06 -16.30 13.06
N GLU A 107 20.93 -15.31 12.87
CA GLU A 107 20.99 -14.13 13.73
C GLU A 107 19.61 -13.59 14.02
N VAL A 108 18.81 -13.48 12.96
CA VAL A 108 17.44 -12.96 13.00
C VAL A 108 16.52 -13.97 13.59
N ALA A 109 16.55 -15.22 13.12
CA ALA A 109 15.74 -16.30 13.69
C ALA A 109 15.82 -16.29 15.24
N LYS A 110 17.03 -16.19 15.82
CA LYS A 110 17.19 -16.02 17.25
C LYS A 110 16.38 -14.76 17.71
N GLU A 111 16.69 -13.55 17.23
CA GLU A 111 15.93 -12.30 17.61
C GLU A 111 14.40 -12.47 17.64
N LEU A 112 13.87 -13.29 16.73
CA LEU A 112 12.43 -13.54 16.65
C LEU A 112 11.99 -14.37 17.77
N GLU A 113 12.67 -15.50 17.96
CA GLU A 113 12.46 -16.43 19.07
C GLU A 113 12.48 -15.69 20.42
N VAL A 114 13.46 -14.86 20.65
CA VAL A 114 13.49 -13.98 21.81
C VAL A 114 12.25 -13.08 21.84
N ASP A 115 11.93 -12.41 20.72
CA ASP A 115 10.78 -11.46 20.65
C ASP A 115 9.42 -12.08 20.95
N LEU A 116 9.34 -13.41 20.73
CA LEU A 116 8.19 -14.26 20.97
C LEU A 116 8.08 -14.62 22.42
N LYS A 117 9.15 -15.15 23.02
CA LYS A 117 9.14 -15.51 24.44
C LYS A 117 8.96 -14.26 25.33
N ASP A 118 9.16 -13.10 24.71
CA ASP A 118 8.88 -11.80 25.29
C ASP A 118 7.38 -11.52 25.26
N ASN A 119 6.68 -12.08 24.26
CA ASN A 119 5.24 -11.88 24.10
C ASN A 119 4.47 -12.87 24.92
N ILE A 120 5.11 -14.02 25.15
CA ILE A 120 4.55 -15.07 25.99
C ILE A 120 4.51 -14.50 27.42
N THR A 121 5.59 -13.84 27.84
CA THR A 121 5.66 -13.13 29.11
C THR A 121 4.51 -12.11 29.26
N LEU A 122 4.51 -11.03 28.49
CA LEU A 122 3.52 -9.93 28.62
C LEU A 122 2.04 -10.29 28.43
N GLN A 123 1.74 -11.38 27.72
CA GLN A 123 0.34 -11.84 27.59
C GLN A 123 -0.15 -12.46 28.88
N THR A 124 0.60 -13.46 29.36
CA THR A 124 0.34 -14.18 30.60
C THR A 124 0.19 -13.24 31.79
N LYS A 125 1.09 -12.24 31.89
CA LYS A 125 1.06 -11.18 32.92
C LYS A 125 -0.31 -10.51 32.98
N THR A 126 -0.87 -10.14 31.83
CA THR A 126 -2.18 -9.47 31.81
C THR A 126 -3.32 -10.43 32.02
N LEU A 127 -3.32 -11.57 31.33
CA LEU A 127 -4.38 -12.60 31.46
C LEU A 127 -4.55 -13.14 32.90
N GLN A 128 -3.42 -13.42 33.57
CA GLN A 128 -3.44 -13.82 34.97
C GLN A 128 -3.98 -12.64 35.77
N GLU A 129 -3.49 -11.42 35.54
CA GLU A 129 -3.97 -10.24 36.24
C GLU A 129 -5.44 -9.90 35.97
N SER A 130 -6.02 -10.37 34.86
CA SER A 130 -7.43 -10.10 34.54
C SER A 130 -8.35 -10.94 35.44
N LEU A 131 -8.05 -12.25 35.50
CA LEU A 131 -8.78 -13.24 36.30
C LEU A 131 -8.57 -12.98 37.79
N GLU A 132 -7.41 -12.44 38.15
CA GLU A 132 -7.12 -12.01 39.52
C GLU A 132 -7.91 -10.76 39.89
N THR A 133 -8.51 -10.07 38.91
CA THR A 133 -9.38 -8.92 39.19
C THR A 133 -10.82 -9.37 39.01
N GLN A 134 -11.06 -10.29 38.07
CA GLN A 134 -12.39 -10.83 37.79
C GLN A 134 -12.87 -11.69 38.96
N GLU A 135 -12.02 -12.60 39.42
CA GLU A 135 -12.36 -13.50 40.52
C GLU A 135 -12.08 -12.87 41.91
N VAL A 136 -11.62 -11.62 41.97
CA VAL A 136 -11.48 -10.95 43.28
C VAL A 136 -12.79 -10.22 43.50
N VAL A 137 -13.47 -9.85 42.43
CA VAL A 137 -14.68 -9.10 42.59
C VAL A 137 -15.89 -10.02 42.38
N ALA A 138 -15.81 -11.01 41.47
CA ALA A 138 -16.97 -11.95 41.31
C ALA A 138 -17.20 -12.82 42.57
N GLN A 139 -16.23 -12.75 43.48
CA GLN A 139 -16.29 -13.28 44.81
C GLN A 139 -17.02 -12.22 45.60
N GLU A 140 -16.39 -11.05 45.75
CA GLU A 140 -16.93 -9.90 46.51
C GLU A 140 -18.40 -9.52 46.28
N GLN A 141 -18.84 -9.54 45.01
CA GLN A 141 -20.21 -9.16 44.64
C GLN A 141 -21.18 -10.29 45.01
N LYS A 142 -20.64 -11.52 45.15
CA LYS A 142 -21.41 -12.66 45.64
C LYS A 142 -21.28 -12.78 47.18
N ASP A 143 -20.51 -11.89 47.82
CA ASP A 143 -20.38 -11.80 49.29
C ASP A 143 -21.19 -10.61 49.76
N LEU A 144 -21.46 -9.71 48.82
CA LEU A 144 -22.30 -8.56 49.01
C LEU A 144 -23.70 -9.15 49.07
N ARG A 145 -24.06 -9.93 48.04
CA ARG A 145 -25.37 -10.59 47.91
C ARG A 145 -25.75 -11.49 49.10
N ILE A 146 -24.77 -12.22 49.62
CA ILE A 146 -24.95 -13.05 50.81
C ILE A 146 -25.03 -12.22 52.13
N LYS A 147 -25.09 -10.90 52.02
CA LYS A 147 -25.19 -10.02 53.19
C LYS A 147 -26.11 -8.84 52.90
N GLN A 148 -26.44 -8.63 51.62
CA GLN A 148 -27.42 -7.61 51.24
C GLN A 148 -28.80 -8.27 51.25
N ILE A 149 -28.81 -9.62 51.24
CA ILE A 149 -30.03 -10.47 51.41
C ILE A 149 -30.07 -10.87 52.87
N GLU A 150 -28.90 -11.00 53.52
CA GLU A 150 -28.75 -11.30 54.97
C GLU A 150 -29.17 -10.05 55.78
N GLU A 151 -29.59 -9.00 55.05
CA GLU A 151 -30.29 -7.79 55.54
C GLU A 151 -31.75 -8.32 55.52
N ALA A 152 -32.04 -9.25 56.46
CA ALA A 152 -33.29 -10.00 56.59
C ALA A 152 -34.40 -9.09 57.06
N LEU A 153 -35.57 -9.21 56.39
CA LEU A 153 -36.90 -8.51 56.62
C LEU A 153 -37.39 -7.42 55.54
N ARG A 154 -38.13 -7.92 54.51
CA ARG A 154 -38.91 -7.19 53.43
C ARG A 154 -39.84 -8.20 52.60
N TYR A 155 -39.53 -9.50 52.70
CA TYR A 155 -40.27 -10.67 52.13
C TYR A 155 -39.99 -11.94 53.04
N ALA A 156 -39.67 -11.61 54.31
CA ALA A 156 -39.42 -12.45 55.53
C ALA A 156 -38.81 -13.88 55.56
N ASP A 157 -39.69 -14.88 55.51
CA ASP A 157 -39.37 -16.30 55.61
C ASP A 157 -38.63 -16.77 54.35
N GLU A 158 -39.14 -16.36 53.18
CA GLU A 158 -38.59 -16.69 51.84
C GLU A 158 -37.14 -16.20 51.59
N ALA A 159 -36.76 -15.10 52.27
CA ALA A 159 -35.40 -14.49 52.26
C ALA A 159 -34.32 -15.41 52.89
N LYS A 160 -34.72 -16.23 53.87
CA LYS A 160 -33.83 -17.19 54.52
C LYS A 160 -33.50 -18.36 53.60
N ILE A 161 -34.33 -18.55 52.56
CA ILE A 161 -34.13 -19.57 51.50
C ILE A 161 -33.21 -19.03 50.38
N THR A 162 -33.19 -17.69 50.21
CA THR A 162 -32.30 -16.97 49.28
C THR A 162 -30.85 -17.34 49.67
N GLN A 163 -30.51 -17.22 50.96
CA GLN A 163 -29.19 -17.62 51.48
C GLN A 163 -29.10 -19.14 51.73
N PRO A 196 -19.71 -22.92 45.22
CA PRO A 196 -20.31 -23.57 44.04
C PRO A 196 -20.23 -22.75 42.72
N LEU A 197 -19.51 -21.61 42.74
CA LEU A 197 -19.35 -20.65 41.59
C LEU A 197 -19.03 -21.14 40.19
N VAL A 198 -19.91 -20.78 39.27
CA VAL A 198 -19.70 -21.06 37.86
C VAL A 198 -19.68 -19.63 37.26
N PHE A 199 -18.74 -19.43 36.31
CA PHE A 199 -18.49 -18.15 35.62
C PHE A 199 -18.98 -18.19 34.17
N SER A 200 -18.94 -17.02 33.52
CA SER A 200 -19.27 -16.82 32.09
C SER A 200 -18.43 -17.74 31.17
N PRO A 201 -18.97 -18.17 29.99
CA PRO A 201 -18.06 -18.94 29.11
C PRO A 201 -17.01 -18.04 28.39
N ALA A 202 -17.05 -16.73 28.70
CA ALA A 202 -16.07 -15.71 28.28
C ALA A 202 -14.79 -15.89 29.13
N TYR A 203 -14.96 -16.08 30.44
CA TYR A 203 -13.85 -16.32 31.38
C TYR A 203 -13.35 -17.75 31.29
N TYR A 204 -14.23 -18.68 30.90
CA TYR A 204 -13.89 -20.09 30.74
C TYR A 204 -12.98 -20.30 29.52
N GLN A 205 -13.20 -19.49 28.46
CA GLN A 205 -12.40 -19.49 27.23
C GLN A 205 -10.97 -19.00 27.49
N THR A 206 -10.85 -17.83 28.13
CA THR A 206 -9.61 -17.16 28.55
C THR A 206 -8.68 -18.09 29.34
N LYS A 207 -9.26 -18.83 30.27
CA LYS A 207 -8.52 -19.79 31.11
C LYS A 207 -8.05 -20.98 30.27
N GLN A 208 -8.84 -21.32 29.26
CA GLN A 208 -8.51 -22.43 28.38
C GLN A 208 -7.40 -22.04 27.42
N THR A 209 -7.42 -20.80 26.91
CA THR A 209 -6.36 -20.30 25.99
C THR A 209 -5.05 -20.04 26.73
N LEU A 210 -5.11 -19.50 27.96
CA LEU A 210 -3.93 -19.26 28.82
C LEU A 210 -3.19 -20.57 29.17
N LEU A 211 -3.87 -21.70 29.00
CA LEU A 211 -3.26 -23.01 29.19
C LEU A 211 -2.38 -23.23 27.97
N ASP A 212 -2.95 -23.00 26.78
CA ASP A 212 -2.27 -23.15 25.48
C ASP A 212 -1.06 -22.18 25.31
N ILE A 213 -1.24 -20.92 25.74
CA ILE A 213 -0.25 -19.85 25.76
C ILE A 213 0.89 -20.16 26.74
N LYS A 214 0.57 -20.71 27.92
CA LYS A 214 1.62 -21.11 28.87
C LYS A 214 2.27 -22.44 28.45
N ASN A 215 1.59 -23.20 27.57
CA ASN A 215 2.15 -24.44 27.02
C ASN A 215 2.42 -24.30 25.50
N LEU A 216 3.15 -23.21 25.13
CA LEU A 216 3.58 -22.93 23.74
C LEU A 216 5.08 -23.20 23.64
N LYS A 217 5.48 -24.18 22.80
CA LYS A 217 6.91 -24.59 22.62
C LYS A 217 7.58 -23.98 21.37
N VAL A 218 8.64 -23.19 21.58
CA VAL A 218 9.35 -22.45 20.50
C VAL A 218 10.66 -23.08 19.94
N THR A 219 10.54 -23.89 18.90
CA THR A 219 11.76 -24.46 18.31
C THR A 219 12.37 -23.33 17.47
N ALA A 220 13.55 -22.83 17.89
CA ALA A 220 14.31 -21.78 17.14
C ALA A 220 14.84 -22.32 15.80
N ASP A 221 14.94 -23.65 15.70
CA ASP A 221 15.33 -24.41 14.49
C ASP A 221 14.16 -24.62 13.51
N THR A 222 12.97 -24.15 13.89
CA THR A 222 11.78 -24.24 13.04
C THR A 222 11.57 -22.94 12.26
N VAL A 223 11.85 -21.81 12.92
CA VAL A 223 11.73 -20.46 12.33
C VAL A 223 12.77 -20.12 11.20
N HIS A 224 12.26 -20.02 9.97
CA HIS A 224 13.05 -19.63 8.80
C HIS A 224 12.63 -18.34 8.16
N VAL A 225 13.63 -17.49 7.96
CA VAL A 225 13.34 -16.14 7.68
C VAL A 225 13.36 -15.60 6.20
N TYR A 226 13.74 -16.46 5.24
CA TYR A 226 13.87 -16.15 3.79
C TYR A 226 13.80 -17.46 3.09
N ARG A 227 13.64 -17.47 1.77
CA ARG A 227 13.63 -18.71 1.01
C ARG A 227 14.45 -18.51 -0.30
N TYR A 228 15.18 -19.51 -0.80
CA TYR A 228 15.95 -19.32 -2.05
C TYR A 228 15.10 -19.29 -3.30
N VAL A 229 15.46 -18.50 -4.29
CA VAL A 229 14.80 -18.47 -5.59
C VAL A 229 15.83 -19.15 -6.47
N MSE A 230 17.10 -18.88 -6.14
CA MSE A 230 18.30 -19.34 -6.81
C MSE A 230 19.43 -19.29 -5.80
O MSE A 230 19.70 -18.23 -5.22
CB MSE A 230 18.67 -18.41 -7.96
CG MSE A 230 19.75 -18.95 -8.85
SE MSE A 230 20.57 -17.50 -10.00
CE MSE A 230 21.54 -16.62 -8.51
N LYS A 231 20.06 -20.45 -5.63
CA LYS A 231 21.20 -20.72 -4.77
C LYS A 231 22.43 -19.94 -5.22
N PRO A 232 23.39 -19.63 -4.29
CA PRO A 232 24.57 -18.84 -4.73
C PRO A 232 25.28 -19.46 -5.89
N THR A 233 25.63 -18.60 -6.83
CA THR A 233 26.19 -18.96 -8.09
C THR A 233 27.70 -19.29 -8.00
N LEU A 234 28.17 -20.13 -8.93
CA LEU A 234 29.59 -20.43 -9.06
C LEU A 234 30.10 -19.66 -10.29
N PRO A 235 30.79 -18.54 -10.09
CA PRO A 235 31.16 -17.73 -11.22
C PRO A 235 32.14 -18.37 -12.20
N VAL A 236 31.64 -18.50 -13.42
CA VAL A 236 32.33 -19.03 -14.56
C VAL A 236 33.40 -17.97 -14.94
N ARG A 237 33.00 -16.77 -15.37
CA ARG A 237 33.94 -15.62 -15.69
C ARG A 237 34.59 -15.05 -14.39
N ARG A 238 35.14 -13.84 -14.41
CA ARG A 238 35.86 -13.25 -13.28
C ARG A 238 35.69 -11.78 -13.47
N ASP A 239 35.39 -11.03 -12.42
CA ASP A 239 35.20 -9.58 -12.66
C ASP A 239 36.52 -8.82 -12.72
N SER A 240 36.49 -7.66 -13.39
CA SER A 240 37.63 -6.71 -13.57
C SER A 240 37.03 -5.39 -14.13
N PRO A 241 37.57 -4.20 -13.74
CA PRO A 241 36.97 -2.96 -14.26
C PRO A 241 37.59 -2.52 -15.58
N LYS B 4 24.67 -9.09 -32.96
CA LYS B 4 23.86 -8.74 -31.74
C LYS B 4 22.60 -7.93 -32.08
N TRP B 5 21.45 -8.54 -31.81
CA TRP B 5 20.12 -7.95 -32.07
C TRP B 5 19.18 -8.22 -30.90
N THR B 6 18.59 -7.16 -30.31
CA THR B 6 17.71 -7.42 -29.15
C THR B 6 16.19 -7.42 -29.36
N SER B 7 15.56 -8.55 -29.02
CA SER B 7 14.11 -8.63 -29.08
C SER B 7 13.52 -8.11 -27.81
N THR B 8 12.40 -7.39 -27.92
CA THR B 8 11.72 -6.92 -26.73
C THR B 8 10.22 -7.28 -26.62
N ALA B 9 9.87 -7.93 -25.52
CA ALA B 9 8.47 -8.14 -25.21
C ALA B 9 8.05 -7.25 -24.02
N ILE B 10 6.76 -6.96 -23.91
CA ILE B 10 6.20 -6.24 -22.77
C ILE B 10 5.15 -7.19 -22.22
N ILE B 11 5.17 -7.44 -20.91
CA ILE B 11 4.25 -8.37 -20.25
C ILE B 11 3.54 -7.80 -19.00
N THR B 12 2.50 -8.48 -18.55
CA THR B 12 1.71 -8.02 -17.40
C THR B 12 1.05 -9.18 -16.65
N GLN B 13 0.39 -8.87 -15.53
CA GLN B 13 -0.26 -9.92 -14.77
C GLN B 13 -1.33 -10.64 -15.58
N PRO B 14 -1.55 -11.94 -15.30
CA PRO B 14 -2.57 -12.60 -16.08
C PRO B 14 -3.90 -11.99 -15.74
N ASP B 15 -4.74 -11.76 -16.76
CA ASP B 15 -6.09 -11.17 -16.58
C ASP B 15 -6.99 -12.14 -15.82
N ALA B 16 -8.06 -11.63 -15.20
CA ALA B 16 -9.01 -12.45 -14.40
C ALA B 16 -9.41 -13.76 -15.08
N ALA B 17 -9.77 -13.65 -16.37
CA ALA B 17 -10.09 -14.79 -17.22
C ALA B 17 -9.03 -15.90 -17.03
N GLN B 18 -7.76 -15.57 -17.29
CA GLN B 18 -6.64 -16.52 -17.14
C GLN B 18 -6.44 -17.12 -15.77
N VAL B 19 -7.01 -16.49 -14.74
CA VAL B 19 -6.86 -17.08 -13.41
C VAL B 19 -8.03 -17.96 -12.95
N ALA B 20 -9.25 -17.41 -13.10
CA ALA B 20 -10.60 -17.95 -12.73
C ALA B 20 -10.75 -19.42 -12.33
N THR B 21 -10.22 -20.29 -13.18
CA THR B 21 -10.13 -21.73 -12.98
C THR B 21 -9.48 -21.98 -11.57
N TYR B 22 -8.23 -21.54 -11.43
CA TYR B 22 -7.39 -21.64 -10.23
C TYR B 22 -8.01 -20.91 -9.04
N THR B 23 -8.58 -19.75 -9.29
CA THR B 23 -9.14 -18.92 -8.24
C THR B 23 -10.38 -19.54 -7.63
N ASN B 24 -11.21 -20.17 -8.49
CA ASN B 24 -12.40 -20.89 -8.03
C ASN B 24 -12.05 -22.05 -7.15
N ALA B 25 -11.09 -22.84 -7.61
CA ALA B 25 -10.53 -23.93 -6.85
C ALA B 25 -10.18 -23.44 -5.41
N LEU B 26 -9.53 -22.28 -5.30
CA LEU B 26 -9.22 -21.71 -4.00
C LEU B 26 -10.46 -21.36 -3.16
N ASN B 27 -11.52 -20.88 -3.81
CA ASN B 27 -12.77 -20.57 -3.11
C ASN B 27 -13.36 -21.83 -2.57
N VAL B 28 -13.49 -22.83 -3.47
CA VAL B 28 -13.99 -24.15 -3.18
C VAL B 28 -13.22 -24.68 -1.97
N LEU B 29 -11.90 -24.69 -2.03
CA LEU B 29 -11.14 -25.18 -0.93
C LEU B 29 -11.11 -24.29 0.30
N TYR B 30 -11.27 -22.96 0.19
CA TYR B 30 -11.11 -22.09 1.40
C TYR B 30 -12.16 -21.05 1.77
N GLY B 31 -13.32 -21.09 1.10
CA GLY B 31 -14.41 -20.16 1.40
C GLY B 31 -14.12 -18.67 1.22
N GLY B 32 -14.19 -17.96 2.33
CA GLY B 32 -14.00 -16.53 2.36
C GLY B 32 -12.66 -16.24 2.99
N ASN B 33 -11.83 -17.29 3.05
CA ASN B 33 -10.44 -17.19 3.53
C ASN B 33 -9.53 -17.33 2.31
N ALA B 34 -10.17 -17.62 1.18
CA ALA B 34 -9.57 -17.71 -0.12
C ALA B 34 -9.17 -16.28 -0.53
N PRO B 35 -7.98 -16.11 -1.17
CA PRO B 35 -7.55 -14.77 -1.55
C PRO B 35 -8.33 -14.24 -2.71
N LYS B 36 -8.42 -12.91 -2.78
CA LYS B 36 -9.14 -12.18 -3.84
C LYS B 36 -8.63 -12.52 -5.21
N ILE B 37 -9.42 -12.25 -6.24
CA ILE B 37 -8.96 -12.56 -7.61
C ILE B 37 -7.74 -11.73 -7.86
N SER B 38 -7.86 -10.43 -7.59
CA SER B 38 -6.77 -9.47 -7.77
C SER B 38 -5.46 -9.92 -7.18
N GLU B 39 -5.51 -10.44 -5.97
CA GLU B 39 -4.34 -10.93 -5.28
C GLU B 39 -3.77 -12.08 -5.97
N VAL B 40 -4.60 -12.92 -6.57
CA VAL B 40 -4.08 -14.10 -7.21
C VAL B 40 -3.24 -13.74 -8.43
N GLN B 41 -3.69 -12.77 -9.21
CA GLN B 41 -3.00 -12.40 -10.44
C GLN B 41 -1.69 -11.79 -10.05
N ALA B 42 -1.77 -10.86 -9.11
CA ALA B 42 -0.62 -10.22 -8.53
C ALA B 42 0.40 -11.25 -8.08
N ASN B 43 -0.03 -12.31 -7.38
CA ASN B 43 0.86 -13.39 -6.96
C ASN B 43 1.50 -14.12 -8.13
N PHE B 44 0.77 -14.24 -9.22
CA PHE B 44 1.27 -15.03 -10.33
C PHE B 44 2.39 -14.33 -11.04
N ILE B 45 2.19 -13.06 -11.33
CA ILE B 45 3.13 -12.30 -12.06
C ILE B 45 4.30 -12.08 -11.17
N SER B 46 4.06 -11.99 -9.87
CA SER B 46 5.16 -11.96 -8.96
C SER B 46 6.02 -13.20 -9.22
N ARG B 47 5.44 -14.38 -9.06
CA ARG B 47 6.14 -15.65 -9.28
C ARG B 47 6.90 -15.74 -10.59
N PHE B 48 6.35 -15.15 -11.63
CA PHE B 48 6.92 -15.14 -12.94
C PHE B 48 8.19 -14.36 -12.89
N SER B 49 8.06 -13.05 -12.61
CA SER B 49 9.21 -12.14 -12.62
C SER B 49 10.35 -12.63 -11.74
N SER B 50 9.96 -13.13 -10.58
CA SER B 50 10.87 -13.63 -9.68
C SER B 50 11.65 -14.77 -10.33
N ALA B 51 10.99 -15.73 -10.94
CA ALA B 51 11.72 -16.83 -11.59
C ALA B 51 12.47 -16.39 -12.83
N PHE B 52 11.87 -15.49 -13.59
CA PHE B 52 12.45 -14.97 -14.82
C PHE B 52 13.77 -14.28 -14.56
N SER B 53 13.90 -13.58 -13.42
CA SER B 53 15.16 -12.95 -13.13
C SER B 53 16.22 -13.97 -12.68
N ALA B 54 15.83 -15.20 -12.37
CA ALA B 54 16.81 -16.17 -11.96
C ALA B 54 17.34 -16.74 -13.19
N LEU B 55 16.44 -16.95 -14.14
CA LEU B 55 16.79 -17.49 -15.44
C LEU B 55 17.89 -16.60 -15.93
N SER B 56 17.62 -15.31 -15.90
CA SER B 56 18.51 -14.29 -16.31
C SER B 56 19.89 -14.27 -15.64
N GLU B 57 20.02 -14.50 -14.34
CA GLU B 57 21.40 -14.61 -13.73
C GLU B 57 22.12 -15.81 -14.25
N VAL B 58 21.38 -16.91 -14.37
CA VAL B 58 21.84 -18.21 -14.81
C VAL B 58 22.35 -18.12 -16.24
N LEU B 59 21.62 -17.43 -17.09
CA LEU B 59 21.98 -17.29 -18.48
C LEU B 59 23.23 -16.49 -18.71
N ASP B 60 23.60 -15.74 -17.70
CA ASP B 60 24.73 -14.94 -17.81
C ASP B 60 25.85 -15.75 -17.25
N ASN B 61 25.53 -16.73 -16.41
CA ASN B 61 26.58 -17.50 -15.78
C ASN B 61 26.90 -18.78 -16.46
N GLN B 62 27.40 -18.63 -17.67
CA GLN B 62 27.79 -19.75 -18.48
C GLN B 62 28.87 -19.33 -19.44
N LYS B 63 29.49 -20.37 -20.02
CA LYS B 63 30.54 -20.27 -21.00
C LYS B 63 30.02 -19.36 -22.08
N GLU B 64 29.04 -19.80 -22.85
CA GLU B 64 28.52 -18.90 -23.87
C GLU B 64 27.40 -18.09 -23.22
N ARG B 65 27.73 -16.88 -22.76
CA ARG B 65 26.76 -16.04 -22.06
C ARG B 65 25.63 -15.45 -22.92
N GLU B 66 24.44 -15.32 -22.31
CA GLU B 66 23.25 -14.73 -22.95
C GLU B 66 22.66 -13.58 -22.13
N LYS B 67 22.18 -12.53 -22.80
CA LYS B 67 21.59 -11.42 -22.03
C LYS B 67 20.06 -11.42 -22.07
N LEU B 68 19.45 -11.96 -21.00
CA LEU B 68 18.02 -11.92 -20.82
C LEU B 68 17.80 -10.79 -19.80
N THR B 69 16.68 -10.09 -19.86
CA THR B 69 16.44 -8.88 -19.06
C THR B 69 15.03 -8.66 -18.55
N ILE B 70 14.85 -8.37 -17.27
CA ILE B 70 13.52 -7.98 -16.84
C ILE B 70 13.54 -6.65 -16.11
N GLU B 71 12.84 -5.66 -16.62
CA GLU B 71 12.77 -4.40 -15.89
C GLU B 71 11.36 -3.82 -15.97
N GLN B 72 11.02 -2.91 -15.05
CA GLN B 72 9.72 -2.28 -15.12
C GLN B 72 9.76 -1.36 -16.34
N SER B 73 8.75 -1.49 -17.18
CA SER B 73 8.58 -0.71 -18.37
C SER B 73 8.48 0.75 -18.02
N VAL B 74 7.65 1.18 -17.07
CA VAL B 74 7.74 2.60 -16.65
C VAL B 74 8.49 2.53 -15.35
N LYS B 75 9.71 3.13 -15.26
CA LYS B 75 10.57 2.96 -14.07
C LYS B 75 9.82 3.59 -12.92
N GLY B 76 9.53 2.75 -11.94
CA GLY B 76 8.84 3.21 -10.79
C GLY B 76 7.45 2.71 -10.65
N GLN B 77 6.96 1.99 -11.65
CA GLN B 77 5.56 1.52 -11.73
C GLN B 77 5.57 0.05 -11.76
N ALA B 78 4.77 -0.56 -10.90
CA ALA B 78 4.79 -2.02 -10.76
C ALA B 78 4.56 -2.85 -12.00
N LEU B 79 3.56 -2.52 -12.82
CA LEU B 79 3.29 -3.20 -14.09
C LEU B 79 3.07 -2.12 -15.16
N PRO B 80 3.48 -2.39 -16.42
CA PRO B 80 4.06 -3.55 -17.02
C PRO B 80 5.56 -3.68 -16.85
N LEU B 81 5.98 -4.89 -17.18
CA LEU B 81 7.29 -5.39 -17.13
C LEU B 81 7.70 -5.57 -18.55
N SER B 82 8.87 -5.07 -18.91
CA SER B 82 9.29 -5.32 -20.27
C SER B 82 10.55 -6.09 -20.29
N VAL B 83 10.47 -7.25 -20.94
CA VAL B 83 11.58 -8.17 -21.07
C VAL B 83 12.30 -8.07 -22.38
N SER B 84 13.61 -8.35 -22.36
CA SER B 84 14.38 -8.32 -23.58
C SER B 84 15.43 -9.41 -23.63
N TYR B 85 15.91 -9.70 -24.84
CA TYR B 85 16.91 -10.73 -25.07
C TYR B 85 17.78 -10.41 -26.25
N VAL B 86 19.06 -10.77 -26.16
CA VAL B 86 20.00 -10.58 -27.27
C VAL B 86 20.32 -11.97 -27.87
N SER B 87 20.32 -12.02 -29.20
CA SER B 87 20.76 -13.19 -29.94
C SER B 87 21.52 -12.69 -31.18
N THR B 88 22.16 -13.63 -31.86
CA THR B 88 22.98 -13.41 -33.06
C THR B 88 22.23 -12.88 -34.28
N THR B 89 21.03 -13.38 -34.56
CA THR B 89 20.22 -12.92 -35.71
C THR B 89 18.85 -12.34 -35.29
N ALA B 90 18.37 -11.27 -35.93
CA ALA B 90 17.04 -10.63 -35.61
C ALA B 90 15.91 -11.61 -35.28
N GLU B 91 15.71 -12.60 -36.13
CA GLU B 91 14.67 -13.60 -35.96
C GLU B 91 15.04 -14.55 -34.85
N GLY B 92 16.35 -14.69 -34.59
CA GLY B 92 16.82 -15.56 -33.50
C GLY B 92 16.36 -15.08 -32.12
N ALA B 93 16.45 -13.76 -31.88
CA ALA B 93 16.01 -13.10 -30.68
C ALA B 93 14.48 -13.27 -30.56
N GLN B 94 13.74 -12.63 -31.44
CA GLN B 94 12.27 -12.70 -31.55
C GLN B 94 11.72 -14.11 -31.25
N ARG B 95 12.47 -15.18 -31.56
CA ARG B 95 12.02 -16.57 -31.31
C ARG B 95 12.45 -17.12 -29.99
N ARG B 96 13.65 -16.76 -29.55
CA ARG B 96 14.19 -17.26 -28.29
C ARG B 96 13.49 -16.62 -27.10
N LEU B 97 13.26 -15.30 -27.17
CA LEU B 97 12.64 -14.55 -26.10
C LEU B 97 11.40 -15.31 -25.82
N ALA B 98 10.53 -15.36 -26.85
CA ALA B 98 9.26 -16.00 -26.77
C ALA B 98 9.39 -17.37 -26.11
N GLU B 99 10.43 -18.12 -26.52
CA GLU B 99 10.65 -19.47 -26.01
C GLU B 99 10.90 -19.38 -24.50
N TYR B 100 11.82 -18.48 -24.10
CA TYR B 100 12.13 -18.25 -22.67
C TYR B 100 10.93 -17.80 -21.79
N ILE B 101 10.16 -16.83 -22.30
CA ILE B 101 8.99 -16.32 -21.64
C ILE B 101 8.06 -17.50 -21.38
N GLN B 102 7.96 -18.38 -22.38
CA GLN B 102 7.13 -19.54 -22.23
C GLN B 102 7.80 -20.50 -21.28
N GLN B 103 9.11 -20.65 -21.39
CA GLN B 103 9.88 -21.62 -20.61
C GLN B 103 9.63 -21.41 -19.12
N VAL B 104 9.67 -20.14 -18.73
CA VAL B 104 9.45 -19.68 -17.36
C VAL B 104 8.02 -19.95 -16.95
N ASP B 105 7.09 -19.42 -17.76
CA ASP B 105 5.66 -19.56 -17.54
C ASP B 105 5.31 -20.97 -17.17
N GLU B 106 5.65 -21.89 -18.08
CA GLU B 106 5.46 -23.31 -17.91
C GLU B 106 6.02 -23.83 -16.61
N GLU B 107 7.28 -23.51 -16.33
CA GLU B 107 7.95 -24.08 -15.18
C GLU B 107 7.38 -23.63 -13.87
N VAL B 108 6.85 -22.40 -13.85
CA VAL B 108 6.27 -21.78 -12.67
C VAL B 108 4.95 -22.40 -12.52
N ALA B 109 4.18 -22.39 -13.62
CA ALA B 109 2.83 -22.94 -13.70
C ALA B 109 2.77 -24.35 -13.17
N LYS B 110 3.67 -25.21 -13.66
CA LYS B 110 3.79 -26.59 -13.27
C LYS B 110 3.86 -26.66 -11.74
N GLU B 111 4.79 -25.92 -11.15
CA GLU B 111 4.97 -25.88 -9.70
C GLU B 111 3.73 -25.44 -8.94
N LEU B 112 2.94 -24.60 -9.60
CA LEU B 112 1.76 -24.01 -8.99
C LEU B 112 0.60 -24.95 -9.03
N GLU B 113 0.58 -25.80 -10.07
CA GLU B 113 -0.40 -26.90 -10.25
C GLU B 113 -0.14 -27.96 -9.18
N VAL B 114 1.15 -28.24 -8.96
CA VAL B 114 1.62 -29.14 -7.92
C VAL B 114 1.02 -28.70 -6.59
N ASP B 115 1.21 -27.43 -6.19
CA ASP B 115 0.59 -26.88 -4.97
C ASP B 115 -0.90 -27.21 -4.74
N LEU B 116 -1.70 -27.00 -5.79
CA LEU B 116 -3.13 -27.34 -5.77
C LEU B 116 -3.45 -28.81 -5.66
N LYS B 117 -2.83 -29.63 -6.54
CA LYS B 117 -3.03 -31.10 -6.54
C LYS B 117 -2.52 -31.70 -5.24
N ASP B 118 -1.64 -30.96 -4.56
CA ASP B 118 -1.19 -31.32 -3.25
C ASP B 118 -2.30 -30.94 -2.28
N ASN B 119 -2.78 -29.68 -2.36
CA ASN B 119 -3.84 -29.19 -1.46
C ASN B 119 -5.20 -29.86 -1.59
N ILE B 120 -5.49 -30.40 -2.78
CA ILE B 120 -6.71 -31.19 -3.06
C ILE B 120 -6.70 -32.45 -2.20
N THR B 121 -5.54 -33.06 -2.04
CA THR B 121 -5.37 -34.24 -1.19
C THR B 121 -5.06 -33.85 0.30
N LEU B 122 -4.29 -32.79 0.52
CA LEU B 122 -3.92 -32.33 1.89
C LEU B 122 -5.06 -31.67 2.66
N GLN B 123 -6.08 -31.17 1.94
CA GLN B 123 -7.32 -30.66 2.54
C GLN B 123 -8.49 -31.54 2.03
N THR B 124 -8.31 -32.83 2.30
CA THR B 124 -9.25 -33.97 2.11
C THR B 124 -9.20 -34.64 3.50
N LYS B 125 -8.10 -34.34 4.20
CA LYS B 125 -7.77 -34.77 5.56
C LYS B 125 -8.51 -33.93 6.62
N THR B 126 -9.58 -33.29 6.19
CA THR B 126 -10.50 -32.49 7.01
C THR B 126 -11.94 -32.93 6.57
N LEU B 127 -12.04 -33.46 5.34
CA LEU B 127 -13.29 -33.98 4.69
C LEU B 127 -13.55 -35.48 4.98
N GLN B 128 -12.48 -36.29 4.91
CA GLN B 128 -12.49 -37.71 5.28
C GLN B 128 -12.29 -37.84 6.82
N GLU B 129 -12.02 -36.70 7.48
CA GLU B 129 -11.82 -36.56 8.94
C GLU B 129 -13.04 -35.95 9.71
N SER B 130 -14.21 -35.83 9.04
CA SER B 130 -15.51 -35.40 9.68
C SER B 130 -16.48 -36.60 9.67
N LEU B 131 -16.20 -37.54 8.74
CA LEU B 131 -16.87 -38.85 8.60
C LEU B 131 -16.42 -39.76 9.76
N GLU B 132 -15.16 -39.62 10.16
CA GLU B 132 -14.56 -40.32 11.29
C GLU B 132 -14.86 -39.58 12.63
N THR B 133 -15.44 -38.36 12.55
CA THR B 133 -15.89 -37.57 13.71
C THR B 133 -17.32 -38.04 14.06
N GLN B 134 -18.11 -38.34 13.04
CA GLN B 134 -19.44 -38.89 13.27
C GLN B 134 -19.35 -40.38 13.63
N GLU B 135 -18.81 -41.21 12.73
CA GLU B 135 -18.66 -42.66 12.93
C GLU B 135 -17.46 -42.99 13.80
N SER B 200 -26.37 -33.59 13.75
CA SER B 200 -25.39 -33.27 12.68
C SER B 200 -25.83 -32.13 11.69
N PRO B 201 -26.20 -30.90 12.20
CA PRO B 201 -26.85 -29.85 11.30
C PRO B 201 -25.95 -29.04 10.30
N ALA B 202 -25.07 -28.19 10.84
CA ALA B 202 -24.08 -27.44 10.05
C ALA B 202 -23.07 -28.43 9.43
N TYR B 203 -22.78 -29.50 10.20
CA TYR B 203 -21.90 -30.65 9.84
C TYR B 203 -22.12 -31.27 8.43
N TYR B 204 -23.35 -31.23 7.92
CA TYR B 204 -23.69 -31.76 6.57
C TYR B 204 -23.22 -30.86 5.37
N GLN B 205 -22.76 -29.63 5.66
CA GLN B 205 -22.22 -28.69 4.62
C GLN B 205 -20.86 -29.13 4.08
N THR B 206 -20.10 -29.78 4.98
CA THR B 206 -18.81 -30.40 4.73
C THR B 206 -18.96 -31.48 3.63
N LYS B 207 -20.12 -32.13 3.60
CA LYS B 207 -20.45 -33.12 2.56
C LYS B 207 -20.59 -32.46 1.16
N GLN B 208 -21.15 -31.24 1.12
CA GLN B 208 -21.33 -30.49 -0.14
C GLN B 208 -19.97 -29.96 -0.69
N THR B 209 -19.16 -29.43 0.23
CA THR B 209 -17.83 -28.87 -0.08
C THR B 209 -16.89 -29.93 -0.65
N LEU B 210 -16.85 -31.12 -0.03
CA LEU B 210 -16.04 -32.26 -0.53
C LEU B 210 -16.50 -32.75 -1.91
N LEU B 211 -17.79 -32.54 -2.20
CA LEU B 211 -18.39 -32.89 -3.50
C LEU B 211 -17.88 -31.92 -4.57
N ASP B 212 -17.71 -30.65 -4.17
CA ASP B 212 -17.17 -29.61 -5.07
C ASP B 212 -15.64 -29.73 -5.23
N ILE B 213 -14.94 -30.07 -4.13
CA ILE B 213 -13.48 -30.37 -4.13
C ILE B 213 -13.14 -31.68 -4.92
N LYS B 214 -14.18 -32.32 -5.46
CA LYS B 214 -14.10 -33.49 -6.31
C LYS B 214 -14.61 -33.07 -7.69
N ASN B 215 -15.58 -32.15 -7.74
CA ASN B 215 -16.19 -31.65 -9.00
C ASN B 215 -15.26 -30.87 -9.94
N LEU B 216 -14.19 -30.28 -9.38
CA LEU B 216 -13.18 -29.52 -10.13
C LEU B 216 -11.93 -30.39 -10.42
N LYS B 217 -11.39 -30.27 -11.64
CA LYS B 217 -10.16 -30.96 -12.11
C LYS B 217 -9.11 -29.94 -12.60
N VAL B 218 -7.96 -29.87 -11.92
CA VAL B 218 -6.86 -28.92 -12.28
C VAL B 218 -6.02 -29.38 -13.48
N THR B 219 -6.54 -29.09 -14.67
CA THR B 219 -5.87 -29.43 -15.93
C THR B 219 -4.55 -28.69 -16.08
N ALA B 220 -3.57 -29.40 -16.64
CA ALA B 220 -2.18 -28.93 -16.84
C ALA B 220 -2.00 -27.85 -17.93
N ASP B 221 -3.01 -27.00 -18.09
CA ASP B 221 -3.07 -25.99 -19.13
C ASP B 221 -4.03 -24.90 -18.76
N THR B 222 -4.44 -24.89 -17.50
CA THR B 222 -5.35 -23.85 -17.05
C THR B 222 -4.63 -22.57 -16.69
N VAL B 223 -3.61 -22.73 -15.85
CA VAL B 223 -2.85 -21.60 -15.26
C VAL B 223 -1.77 -20.95 -16.11
N HIS B 224 -1.90 -19.64 -16.22
CA HIS B 224 -0.94 -18.78 -16.90
C HIS B 224 -0.57 -17.73 -15.92
N VAL B 225 0.72 -17.50 -15.80
CA VAL B 225 1.17 -16.58 -14.82
C VAL B 225 1.53 -15.21 -15.39
N TYR B 226 1.19 -14.94 -16.66
CA TYR B 226 1.49 -13.66 -17.32
C TYR B 226 0.63 -13.50 -18.52
N ARG B 227 0.65 -12.32 -19.13
CA ARG B 227 -0.16 -12.02 -20.29
C ARG B 227 0.68 -11.02 -21.08
N TYR B 228 0.80 -11.15 -22.41
CA TYR B 228 1.56 -10.16 -23.18
C TYR B 228 0.83 -8.85 -23.34
N VAL B 229 1.57 -7.79 -23.61
CA VAL B 229 1.02 -6.45 -23.83
C VAL B 229 1.54 -6.16 -25.19
N MSE B 230 2.72 -6.72 -25.43
CA MSE B 230 3.40 -6.66 -26.68
C MSE B 230 4.23 -7.92 -26.75
O MSE B 230 5.11 -8.19 -25.92
CB MSE B 230 4.22 -5.41 -26.83
CG MSE B 230 5.45 -5.57 -27.74
SE MSE B 230 6.34 -3.82 -28.09
CE MSE B 230 4.71 -3.20 -29.06
N LYS B 231 3.92 -8.68 -27.78
CA LYS B 231 4.61 -9.91 -28.16
C LYS B 231 6.03 -9.48 -28.64
N PRO B 232 7.06 -10.33 -28.41
CA PRO B 232 8.48 -10.01 -28.70
C PRO B 232 8.69 -9.47 -30.07
N THR B 233 9.57 -8.47 -30.19
CA THR B 233 9.79 -7.76 -31.45
C THR B 233 10.89 -8.29 -32.33
N LEU B 234 10.69 -8.09 -33.66
CA LEU B 234 11.71 -8.30 -34.69
C LEU B 234 12.54 -7.04 -34.76
N PRO B 235 13.79 -7.09 -34.29
CA PRO B 235 14.50 -5.84 -34.34
C PRO B 235 14.89 -5.55 -35.78
N VAL B 236 14.62 -4.33 -36.15
CA VAL B 236 14.91 -3.79 -37.44
C VAL B 236 16.40 -3.43 -37.56
N ARG B 237 16.98 -2.76 -36.56
CA ARG B 237 18.40 -2.32 -36.58
C ARG B 237 19.17 -3.25 -35.69
N ARG B 238 20.49 -3.36 -35.86
CA ARG B 238 21.33 -4.22 -35.00
C ARG B 238 21.81 -3.40 -33.82
N ASP B 239 22.41 -4.03 -32.81
CA ASP B 239 22.88 -3.27 -31.64
C ASP B 239 24.17 -2.51 -31.91
N SER B 240 24.22 -1.29 -31.34
CA SER B 240 25.41 -0.43 -31.39
C SER B 240 26.44 -1.04 -30.43
N PRO B 241 27.70 -1.29 -30.90
CA PRO B 241 28.75 -1.88 -30.05
C PRO B 241 29.66 -0.83 -29.38
N GLU C 3 41.78 13.18 6.02
CA GLU C 3 41.21 14.54 5.80
C GLU C 3 39.67 14.60 6.01
N LYS C 4 38.91 13.80 5.22
CA LYS C 4 37.43 13.67 5.32
C LYS C 4 37.08 12.21 5.63
N TRP C 5 36.33 11.99 6.71
CA TRP C 5 35.93 10.64 7.18
C TRP C 5 34.40 10.46 7.29
N THR C 6 33.87 9.39 6.73
CA THR C 6 32.44 9.21 6.74
C THR C 6 31.92 8.09 7.70
N SER C 7 31.15 8.53 8.71
CA SER C 7 30.52 7.58 9.66
C SER C 7 29.14 7.27 9.14
N THR C 8 28.64 6.07 9.43
CA THR C 8 27.40 5.55 8.91
C THR C 8 26.58 4.75 9.89
N ALA C 9 25.41 5.25 10.25
CA ALA C 9 24.46 4.44 11.02
C ALA C 9 23.38 3.86 10.11
N ILE C 10 22.75 2.78 10.56
CA ILE C 10 21.52 2.25 9.92
C ILE C 10 20.39 2.24 10.97
N ILE C 11 19.32 2.96 10.65
CA ILE C 11 18.15 3.07 11.53
C ILE C 11 16.85 2.55 10.90
N THR C 12 15.82 2.40 11.72
CA THR C 12 14.50 1.92 11.28
C THR C 12 13.38 2.44 12.17
N GLN C 13 12.14 2.07 11.90
CA GLN C 13 11.00 2.45 12.73
C GLN C 13 11.12 1.84 14.12
N PRO C 14 10.64 2.57 15.15
CA PRO C 14 10.67 2.11 16.51
C PRO C 14 9.98 0.80 16.72
N ASP C 15 10.45 0.05 17.72
CA ASP C 15 9.96 -1.28 18.15
C ASP C 15 8.50 -1.12 18.52
N ALA C 16 7.67 -2.14 18.31
CA ALA C 16 6.21 -2.12 18.74
C ALA C 16 6.06 -1.67 20.20
N ALA C 17 6.88 -2.30 21.05
CA ALA C 17 7.04 -1.98 22.45
C ALA C 17 7.45 -0.55 22.71
N GLN C 18 8.33 0.02 21.90
CA GLN C 18 8.84 1.39 22.08
C GLN C 18 7.78 2.47 21.77
N VAL C 19 6.63 2.06 21.29
CA VAL C 19 5.60 2.98 20.87
C VAL C 19 4.34 2.79 21.70
N ALA C 20 4.33 1.69 22.46
CA ALA C 20 3.19 1.21 23.25
C ALA C 20 2.44 2.22 24.12
N THR C 21 3.18 3.02 24.89
CA THR C 21 2.56 4.02 25.75
C THR C 21 1.70 5.01 24.96
N TYR C 22 2.35 5.60 23.94
CA TYR C 22 1.76 6.59 23.05
C TYR C 22 0.52 6.04 22.41
N THR C 23 0.65 4.86 21.80
CA THR C 23 -0.48 4.21 21.14
C THR C 23 -1.63 4.00 22.11
N ASN C 24 -1.31 3.53 23.33
CA ASN C 24 -2.33 3.33 24.34
C ASN C 24 -3.05 4.62 24.62
N ALA C 25 -2.29 5.67 24.93
CA ALA C 25 -2.85 6.99 25.16
C ALA C 25 -3.78 7.45 24.04
N LEU C 26 -3.60 6.97 22.83
CA LEU C 26 -4.50 7.34 21.79
C LEU C 26 -5.80 6.52 21.81
N ASN C 27 -5.76 5.30 22.35
CA ASN C 27 -6.97 4.47 22.46
C ASN C 27 -7.92 5.06 23.49
N VAL C 28 -7.34 5.39 24.63
CA VAL C 28 -7.98 6.03 25.75
C VAL C 28 -8.60 7.34 25.26
N LEU C 29 -7.88 8.06 24.43
CA LEU C 29 -8.45 9.27 23.94
C LEU C 29 -9.36 9.12 22.73
N TYR C 30 -9.34 7.97 22.00
CA TYR C 30 -10.09 7.85 20.69
C TYR C 30 -10.64 6.48 20.25
N GLY C 31 -10.50 5.46 21.08
CA GLY C 31 -11.06 4.09 20.88
C GLY C 31 -11.01 3.26 19.61
N GLY C 32 -11.44 3.82 18.49
CA GLY C 32 -11.51 3.09 17.25
C GLY C 32 -11.01 3.95 16.14
N ASN C 33 -10.80 5.24 16.44
CA ASN C 33 -10.21 6.22 15.49
C ASN C 33 -8.72 6.40 15.78
N ALA C 34 -8.33 5.69 16.83
CA ALA C 34 -6.98 5.54 17.30
C ALA C 34 -6.29 4.63 16.29
N PRO C 35 -5.08 5.06 15.81
CA PRO C 35 -4.29 4.32 14.82
C PRO C 35 -3.78 2.99 15.35
N LYS C 36 -3.57 2.02 14.46
CA LYS C 36 -2.97 0.73 14.83
C LYS C 36 -1.52 0.99 15.32
N ILE C 37 -0.96 0.09 16.15
CA ILE C 37 0.43 0.21 16.63
C ILE C 37 1.22 0.43 15.38
N SER C 38 1.14 -0.55 14.47
CA SER C 38 1.83 -0.54 13.18
C SER C 38 1.82 0.80 12.44
N GLU C 39 0.72 1.54 12.57
CA GLU C 39 0.56 2.79 11.92
C GLU C 39 1.21 3.92 12.64
N VAL C 40 1.33 3.79 13.96
CA VAL C 40 2.05 4.82 14.75
C VAL C 40 3.55 4.68 14.40
N GLN C 41 3.98 3.42 14.32
CA GLN C 41 5.34 3.08 14.05
C GLN C 41 5.79 3.72 12.78
N ALA C 42 5.03 3.50 11.72
CA ALA C 42 5.33 4.07 10.44
C ALA C 42 5.23 5.56 10.47
N ASN C 43 4.40 6.11 11.35
CA ASN C 43 4.25 7.54 11.35
C ASN C 43 5.49 8.11 11.89
N PHE C 44 5.89 7.60 13.02
CA PHE C 44 6.98 8.12 13.79
C PHE C 44 8.26 8.26 13.00
N ILE C 45 8.69 7.16 12.41
CA ILE C 45 9.86 7.10 11.58
C ILE C 45 9.74 8.03 10.40
N SER C 46 8.52 8.17 9.87
CA SER C 46 8.35 9.11 8.80
C SER C 46 8.70 10.51 9.28
N ARG C 47 8.27 10.85 10.49
CA ARG C 47 8.56 12.18 10.99
C ARG C 47 10.05 12.29 11.24
N PHE C 48 10.71 11.20 11.63
CA PHE C 48 12.14 11.22 11.89
C PHE C 48 12.83 11.58 10.63
N SER C 49 12.65 10.76 9.59
CA SER C 49 13.31 10.97 8.30
C SER C 49 13.01 12.31 7.64
N SER C 50 11.81 12.86 7.84
CA SER C 50 11.50 14.18 7.33
C SER C 50 12.31 15.24 8.05
N ALA C 51 12.50 15.05 9.35
CA ALA C 51 13.21 16.03 10.14
C ALA C 51 14.69 15.91 9.79
N PHE C 52 15.13 14.67 9.72
CA PHE C 52 16.48 14.37 9.39
C PHE C 52 16.85 14.90 8.04
N SER C 53 15.91 14.84 7.10
CA SER C 53 16.10 15.43 5.81
C SER C 53 16.32 16.90 5.91
N ALA C 54 15.59 17.55 6.80
CA ALA C 54 15.64 18.99 6.86
C ALA C 54 16.91 19.49 7.38
N LEU C 55 17.39 18.78 8.41
CA LEU C 55 18.62 19.13 9.12
C LEU C 55 19.67 19.12 8.11
N SER C 56 19.81 17.98 7.46
CA SER C 56 20.71 17.76 6.38
C SER C 56 20.81 18.95 5.44
N GLU C 57 19.70 19.39 4.90
CA GLU C 57 19.64 20.52 3.97
C GLU C 57 20.20 21.84 4.56
N VAL C 58 19.90 22.07 5.84
CA VAL C 58 20.36 23.23 6.60
C VAL C 58 21.85 23.17 6.81
N LEU C 59 22.38 22.01 7.15
CA LEU C 59 23.79 21.82 7.32
C LEU C 59 24.63 22.01 6.05
N ASP C 60 23.99 21.92 4.91
CA ASP C 60 24.70 22.08 3.72
C ASP C 60 24.69 23.55 3.38
N ASN C 61 23.72 24.31 3.92
CA ASN C 61 23.52 25.74 3.64
C ASN C 61 24.23 26.64 4.65
N GLN C 62 25.27 26.11 5.28
CA GLN C 62 26.01 26.90 6.22
C GLN C 62 27.23 27.40 5.53
N LYS C 63 27.77 28.50 6.08
CA LYS C 63 29.03 29.08 5.62
C LYS C 63 30.12 28.03 5.82
N GLU C 64 30.01 27.26 6.91
CA GLU C 64 30.96 26.23 7.23
C GLU C 64 30.38 24.84 6.99
N ARG C 65 29.95 24.62 5.74
CA ARG C 65 29.45 23.37 5.13
C ARG C 65 29.55 22.04 5.85
N GLU C 66 28.41 21.39 6.16
CA GLU C 66 28.38 20.02 6.78
C GLU C 66 27.59 19.06 5.90
N LYS C 67 28.09 17.84 5.74
CA LYS C 67 27.46 16.83 4.89
C LYS C 67 26.89 15.68 5.73
N LEU C 68 25.56 15.74 5.92
CA LEU C 68 24.76 14.76 6.65
C LEU C 68 23.77 14.18 5.65
N THR C 69 23.72 12.88 5.46
CA THR C 69 22.79 12.30 4.45
C THR C 69 21.84 11.16 4.90
N ILE C 70 20.63 11.08 4.32
CA ILE C 70 19.71 9.99 4.63
C ILE C 70 19.26 9.25 3.38
N GLU C 71 19.24 7.93 3.41
CA GLU C 71 18.80 7.24 2.24
C GLU C 71 18.34 5.82 2.56
N GLN C 72 17.47 5.28 1.69
CA GLN C 72 17.05 3.90 1.88
C GLN C 72 18.24 2.94 1.71
N SER C 73 18.55 2.20 2.76
CA SER C 73 19.59 1.23 2.75
C SER C 73 19.42 0.28 1.60
N VAL C 74 18.26 -0.35 1.39
CA VAL C 74 18.12 -1.16 0.17
C VAL C 74 17.30 -0.28 -0.69
N LYS C 75 17.81 0.01 -1.89
CA LYS C 75 17.16 0.92 -2.82
C LYS C 75 15.77 0.51 -3.22
N GLY C 76 14.90 1.49 -3.02
CA GLY C 76 13.50 1.35 -3.34
C GLY C 76 12.92 0.30 -2.46
N GLN C 77 13.12 0.45 -1.15
CA GLN C 77 12.66 -0.47 -0.05
C GLN C 77 12.64 0.49 1.09
N ALA C 78 11.51 0.50 1.79
CA ALA C 78 11.15 1.58 2.67
C ALA C 78 11.98 1.74 3.84
N LEU C 79 12.28 0.62 4.49
CA LEU C 79 13.11 0.58 5.66
C LEU C 79 14.04 -0.59 5.45
N PRO C 80 15.23 -0.57 6.06
CA PRO C 80 15.80 0.45 6.90
C PRO C 80 16.40 1.58 6.07
N LEU C 81 16.70 2.63 6.79
CA LEU C 81 17.29 3.80 6.28
C LEU C 81 18.69 3.84 6.79
N SER C 82 19.60 4.30 5.96
CA SER C 82 20.94 4.50 6.46
C SER C 82 21.35 5.92 6.32
N VAL C 83 21.75 6.46 7.47
CA VAL C 83 22.20 7.82 7.60
C VAL C 83 23.71 7.83 7.68
N SER C 84 24.29 8.98 7.34
CA SER C 84 25.74 9.10 7.35
C SER C 84 26.18 10.54 7.54
N TYR C 85 27.39 10.72 8.08
CA TYR C 85 27.97 12.03 8.33
C TYR C 85 29.44 12.03 7.98
N VAL C 86 29.88 13.12 7.34
CA VAL C 86 31.30 13.30 7.02
C VAL C 86 31.88 14.34 7.96
N SER C 87 33.11 14.08 8.39
CA SER C 87 33.88 14.97 9.29
C SER C 87 35.38 14.79 9.13
N THR C 88 36.12 15.61 9.89
CA THR C 88 37.58 15.69 9.85
C THR C 88 38.37 14.61 10.55
N THR C 89 37.79 13.93 11.52
CA THR C 89 38.43 12.80 12.24
C THR C 89 37.47 11.63 12.39
N ALA C 90 37.93 10.40 12.16
CA ALA C 90 37.07 9.20 12.31
C ALA C 90 36.21 9.17 13.58
N GLU C 91 36.78 9.58 14.69
CA GLU C 91 36.11 9.61 15.97
C GLU C 91 35.10 10.70 15.91
N GLY C 92 35.50 11.85 15.38
CA GLY C 92 34.62 13.03 15.35
C GLY C 92 33.35 12.86 14.54
N ALA C 93 33.51 12.14 13.42
CA ALA C 93 32.46 11.76 12.47
C ALA C 93 31.43 10.92 13.14
N GLN C 94 31.89 9.88 13.84
CA GLN C 94 31.08 8.95 14.58
C GLN C 94 30.39 9.69 15.67
N ARG C 95 31.11 10.57 16.35
CA ARG C 95 30.56 11.31 17.49
C ARG C 95 29.38 12.19 17.06
N ARG C 96 29.66 13.14 16.16
CA ARG C 96 28.71 14.14 15.70
C ARG C 96 27.44 13.50 15.06
N LEU C 97 27.62 12.37 14.36
CA LEU C 97 26.47 11.67 13.76
C LEU C 97 25.53 11.31 14.85
N ALA C 98 25.96 10.45 15.77
CA ALA C 98 25.11 9.97 16.82
C ALA C 98 24.36 11.08 17.56
N GLU C 99 24.99 12.23 17.60
CA GLU C 99 24.42 13.37 18.27
C GLU C 99 23.30 13.96 17.47
N TYR C 100 23.56 14.11 16.18
CA TYR C 100 22.60 14.63 15.25
C TYR C 100 21.33 13.75 15.17
N ILE C 101 21.51 12.43 15.22
CA ILE C 101 20.47 11.44 15.20
C ILE C 101 19.68 11.66 16.43
N GLN C 102 20.38 11.96 17.52
CA GLN C 102 19.71 12.12 18.78
C GLN C 102 19.04 13.44 18.77
N GLN C 103 19.70 14.42 18.16
CA GLN C 103 19.13 15.77 18.08
C GLN C 103 17.72 15.69 17.51
N VAL C 104 17.63 15.10 16.32
CA VAL C 104 16.43 14.91 15.53
C VAL C 104 15.43 14.12 16.32
N ASP C 105 15.85 12.98 16.86
CA ASP C 105 14.98 12.14 17.64
C ASP C 105 14.22 12.94 18.69
N GLU C 106 14.97 13.61 19.56
CA GLU C 106 14.46 14.41 20.64
C GLU C 106 13.58 15.56 20.23
N GLU C 107 13.90 16.13 19.10
CA GLU C 107 13.26 17.32 18.62
C GLU C 107 11.89 16.99 18.14
N VAL C 108 11.76 15.80 17.59
CA VAL C 108 10.54 15.30 17.04
C VAL C 108 9.72 14.80 18.20
N ALA C 109 10.35 14.01 19.07
CA ALA C 109 9.72 13.45 20.25
C ALA C 109 9.01 14.54 21.04
N LYS C 110 9.73 15.58 21.45
CA LYS C 110 9.16 16.66 22.23
C LYS C 110 8.05 17.42 21.49
N GLU C 111 7.91 17.28 20.19
CA GLU C 111 6.85 17.98 19.47
C GLU C 111 5.69 17.07 19.52
N LEU C 112 5.94 15.77 19.51
CA LEU C 112 4.90 14.78 19.59
C LEU C 112 4.37 14.68 20.98
N GLU C 113 5.24 14.91 21.99
CA GLU C 113 4.85 14.91 23.43
C GLU C 113 3.86 16.05 23.56
N VAL C 114 4.32 17.27 23.38
CA VAL C 114 3.51 18.47 23.34
C VAL C 114 2.21 18.29 22.53
N ASP C 115 2.21 17.49 21.47
CA ASP C 115 0.92 17.19 20.80
C ASP C 115 -0.10 16.34 21.58
N LEU C 116 0.41 15.39 22.34
CA LEU C 116 -0.41 14.50 23.12
C LEU C 116 -0.91 15.22 24.37
N LYS C 117 -0.02 15.97 25.04
CA LYS C 117 -0.36 16.72 26.25
C LYS C 117 -1.29 17.91 25.94
N ASP C 118 -1.46 18.19 24.65
CA ASP C 118 -2.44 19.14 24.20
C ASP C 118 -3.77 18.51 24.48
N ASN C 119 -3.91 17.24 24.11
CA ASN C 119 -5.14 16.50 24.23
C ASN C 119 -5.58 15.92 25.56
N ILE C 120 -4.63 15.68 26.48
CA ILE C 120 -4.96 15.29 27.87
C ILE C 120 -5.70 16.51 28.50
N THR C 121 -5.14 17.68 28.25
CA THR C 121 -5.68 18.96 28.60
C THR C 121 -6.97 19.21 27.78
N LEU C 122 -6.95 18.97 26.48
CA LEU C 122 -8.11 19.23 25.60
C LEU C 122 -9.37 18.36 25.82
N GLN C 123 -9.21 17.07 26.14
CA GLN C 123 -10.38 16.20 26.40
C GLN C 123 -11.01 16.37 27.77
N THR C 124 -10.24 16.86 28.74
CA THR C 124 -10.72 17.19 30.08
C THR C 124 -11.57 18.51 30.01
N LYS C 125 -11.66 19.12 28.84
CA LYS C 125 -12.53 20.24 28.62
C LYS C 125 -13.72 19.68 27.83
N THR C 126 -13.47 18.91 26.76
CA THR C 126 -14.54 18.32 25.89
C THR C 126 -15.36 17.22 26.60
N LEU C 127 -14.91 16.79 27.78
CA LEU C 127 -15.68 15.79 28.52
C LEU C 127 -16.54 16.31 29.69
N GLN C 128 -16.28 17.50 30.23
CA GLN C 128 -17.20 18.12 31.23
C GLN C 128 -18.34 18.76 30.42
N GLU C 129 -18.05 19.13 29.16
CA GLU C 129 -19.01 19.65 28.20
C GLU C 129 -19.96 18.56 27.60
N SER C 130 -19.83 17.34 28.12
CA SER C 130 -20.65 16.19 27.78
C SER C 130 -21.18 15.55 29.07
N LEU C 131 -20.47 15.78 30.18
CA LEU C 131 -20.85 15.26 31.50
C LEU C 131 -21.67 16.31 32.23
N GLU C 132 -21.02 17.37 32.72
CA GLU C 132 -21.68 18.49 33.45
C GLU C 132 -22.76 19.25 32.63
N THR C 133 -22.78 19.05 31.30
CA THR C 133 -23.82 19.53 30.37
C THR C 133 -25.00 18.56 30.47
N GLN C 134 -24.76 17.25 30.36
CA GLN C 134 -25.83 16.23 30.52
C GLN C 134 -26.38 16.12 31.97
N GLU C 135 -25.64 16.65 32.96
CA GLU C 135 -26.04 16.68 34.38
C GLU C 135 -27.22 17.62 34.66
N VAL C 136 -27.07 18.90 34.31
CA VAL C 136 -28.13 19.89 34.54
C VAL C 136 -29.24 19.77 33.43
N VAL C 137 -28.88 19.34 32.21
CA VAL C 137 -29.86 19.06 31.11
C VAL C 137 -30.78 17.80 31.32
N ALA C 138 -30.42 16.96 32.30
CA ALA C 138 -31.24 15.82 32.73
C ALA C 138 -32.47 16.39 33.43
N GLN C 139 -32.24 17.38 34.31
CA GLN C 139 -33.26 18.07 35.13
C GLN C 139 -34.30 18.91 34.38
N GLU C 140 -34.07 19.09 33.07
CA GLU C 140 -34.95 19.76 32.12
C GLU C 140 -35.93 18.74 31.51
N GLN C 141 -35.65 17.45 31.75
CA GLN C 141 -36.55 16.34 31.42
C GLN C 141 -37.40 16.00 32.70
N LYS C 142 -36.82 16.31 33.88
CA LYS C 142 -37.46 16.17 35.20
C LYS C 142 -38.68 17.09 35.33
N ASP C 143 -38.66 18.21 34.60
CA ASP C 143 -39.78 19.14 34.57
C ASP C 143 -40.50 19.13 33.20
N LEU C 144 -39.91 19.75 32.15
CA LEU C 144 -40.49 19.79 30.78
C LEU C 144 -40.27 18.45 30.05
N PHE C 199 -27.96 10.71 33.72
CA PHE C 199 -28.83 9.51 33.70
C PHE C 199 -28.66 8.59 32.45
N SER C 200 -28.13 9.13 31.35
CA SER C 200 -27.97 8.41 30.05
C SER C 200 -26.93 7.22 30.11
N PRO C 201 -27.05 6.18 29.23
CA PRO C 201 -25.96 5.16 29.25
C PRO C 201 -24.62 5.65 28.64
N ALA C 202 -24.71 6.54 27.64
CA ALA C 202 -23.56 7.17 26.99
C ALA C 202 -22.82 8.10 27.96
N TYR C 203 -23.53 8.60 28.97
CA TYR C 203 -22.99 9.48 30.02
C TYR C 203 -21.93 8.79 30.88
N TYR C 204 -22.13 7.51 31.18
CA TYR C 204 -21.19 6.75 32.04
C TYR C 204 -19.93 6.36 31.31
N GLN C 205 -20.06 6.20 30.00
CA GLN C 205 -18.96 5.94 29.08
C GLN C 205 -18.06 7.17 29.19
N THR C 206 -18.62 8.35 28.94
CA THR C 206 -17.96 9.65 29.06
C THR C 206 -17.24 9.84 30.40
N LYS C 207 -17.87 9.33 31.47
CA LYS C 207 -17.31 9.37 32.80
C LYS C 207 -16.08 8.47 32.89
N GLN C 208 -16.23 7.22 32.44
CA GLN C 208 -15.21 6.15 32.41
C GLN C 208 -13.97 6.48 31.57
N THR C 209 -14.21 6.97 30.36
CA THR C 209 -13.14 7.35 29.44
C THR C 209 -12.35 8.50 30.06
N LEU C 210 -13.03 9.45 30.70
CA LEU C 210 -12.39 10.56 31.41
C LEU C 210 -11.51 10.09 32.59
N LEU C 211 -11.96 9.02 33.25
CA LEU C 211 -11.24 8.44 34.38
C LEU C 211 -9.95 7.88 33.85
N ASP C 212 -10.02 7.17 32.72
CA ASP C 212 -8.84 6.62 32.01
C ASP C 212 -7.85 7.70 31.57
N ILE C 213 -8.40 8.81 31.05
CA ILE C 213 -7.65 9.97 30.58
C ILE C 213 -6.73 10.58 31.65
N LYS C 214 -7.24 10.63 32.87
CA LYS C 214 -6.47 11.17 33.98
C LYS C 214 -5.46 10.17 34.54
N ASN C 215 -5.55 8.90 34.13
CA ASN C 215 -4.56 7.90 34.56
C ASN C 215 -3.29 7.94 33.74
N LEU C 216 -3.39 8.53 32.54
CA LEU C 216 -2.30 8.61 31.54
C LEU C 216 -0.98 9.24 32.00
N LYS C 217 0.03 8.37 32.12
CA LYS C 217 1.41 8.71 32.50
C LYS C 217 2.26 8.86 31.22
N VAL C 218 2.37 10.11 30.76
CA VAL C 218 3.11 10.46 29.54
C VAL C 218 4.15 11.54 29.73
N THR C 219 5.28 11.12 30.29
CA THR C 219 6.44 11.99 30.44
C THR C 219 7.08 11.97 29.06
N ALA C 220 7.68 13.07 28.61
CA ALA C 220 8.34 13.17 27.27
C ALA C 220 9.59 12.25 27.05
N ASP C 221 9.58 11.10 27.73
CA ASP C 221 10.58 10.03 27.71
C ASP C 221 9.81 8.81 27.24
N THR C 222 8.57 9.06 26.79
CA THR C 222 7.63 8.10 26.21
C THR C 222 8.09 7.89 24.78
N VAL C 223 8.04 8.98 24.02
CA VAL C 223 8.30 9.05 22.58
C VAL C 223 9.75 8.79 22.09
N HIS C 224 9.88 7.74 21.29
CA HIS C 224 11.10 7.37 20.61
C HIS C 224 10.76 7.10 19.17
N VAL C 225 11.28 7.93 18.29
CA VAL C 225 10.86 7.80 16.91
C VAL C 225 11.69 6.99 15.92
N TYR C 226 12.66 6.18 16.38
CA TYR C 226 13.54 5.36 15.50
C TYR C 226 14.26 4.32 16.31
N ARG C 227 14.77 3.27 15.70
CA ARG C 227 15.59 2.38 16.49
C ARG C 227 16.77 2.10 15.61
N TYR C 228 17.93 1.85 16.20
CA TYR C 228 19.10 1.49 15.43
C TYR C 228 18.97 0.05 14.95
N VAL C 229 19.65 -0.26 13.87
CA VAL C 229 19.75 -1.60 13.30
C VAL C 229 21.23 -1.77 13.41
N MSE C 230 21.92 -0.61 13.33
CA MSE C 230 23.35 -0.47 13.43
C MSE C 230 23.70 0.93 13.86
O MSE C 230 23.31 1.90 13.18
CB MSE C 230 24.02 -0.80 12.11
CG MSE C 230 25.34 -0.11 12.00
SE MSE C 230 26.37 -0.48 10.39
CE MSE C 230 26.49 -2.40 10.80
N LYS C 231 24.45 1.03 14.99
CA LYS C 231 24.90 2.29 15.62
C LYS C 231 25.96 2.87 14.71
N PRO C 232 26.20 4.21 14.72
CA PRO C 232 27.21 4.87 13.84
C PRO C 232 28.54 4.18 13.82
N THR C 233 29.23 4.35 12.73
CA THR C 233 30.34 3.53 12.49
C THR C 233 31.66 4.24 12.81
N LEU C 234 32.69 3.47 13.15
CA LEU C 234 33.99 4.07 13.36
C LEU C 234 34.76 3.71 12.12
N PRO C 235 34.96 4.70 11.24
CA PRO C 235 35.55 4.37 9.98
C PRO C 235 37.06 4.18 9.98
N VAL C 236 37.44 2.94 9.75
CA VAL C 236 38.78 2.49 9.46
C VAL C 236 38.85 3.03 8.03
N ARG C 237 39.85 3.81 7.62
CA ARG C 237 40.02 4.44 6.21
C ARG C 237 39.27 5.72 6.04
N ARG C 238 39.79 6.63 5.22
CA ARG C 238 39.09 7.88 4.99
C ARG C 238 38.50 7.86 3.60
N ASP C 239 37.78 8.92 3.24
CA ASP C 239 37.16 9.02 1.91
C ASP C 239 38.17 9.05 0.77
N SER C 240 37.78 8.50 -0.38
CA SER C 240 38.56 8.54 -1.60
C SER C 240 38.61 10.04 -2.00
N PRO C 241 39.83 10.65 -2.01
CA PRO C 241 39.92 12.10 -2.28
C PRO C 241 39.85 12.45 -3.76
N GLU D 3 16.17 21.31 -36.26
CA GLU D 3 16.83 19.98 -36.37
C GLU D 3 16.16 18.83 -35.56
N LYS D 4 15.96 18.97 -34.23
CA LYS D 4 15.31 17.95 -33.32
C LYS D 4 14.67 18.69 -32.16
N TRP D 5 13.35 18.61 -32.02
CA TRP D 5 12.57 19.38 -30.99
C TRP D 5 11.72 18.52 -30.04
N THR D 6 11.59 18.91 -28.77
CA THR D 6 10.85 18.03 -27.83
C THR D 6 9.61 18.57 -27.13
N SER D 7 8.48 17.95 -27.48
CA SER D 7 7.25 18.36 -26.87
C SER D 7 7.04 17.47 -25.68
N THR D 8 6.37 18.04 -24.66
CA THR D 8 6.09 17.35 -23.42
C THR D 8 4.71 17.63 -22.90
N ALA D 9 4.02 16.56 -22.54
CA ALA D 9 2.73 16.60 -21.83
C ALA D 9 2.84 15.88 -20.50
N ILE D 10 1.99 16.31 -19.56
CA ILE D 10 1.84 15.70 -18.24
C ILE D 10 0.40 15.22 -18.18
N ILE D 11 0.25 13.93 -17.90
CA ILE D 11 -1.06 13.25 -17.80
C ILE D 11 -1.27 12.49 -16.48
N THR D 12 -2.53 12.20 -16.15
CA THR D 12 -2.90 11.49 -14.90
C THR D 12 -4.02 10.45 -15.08
N GLN D 13 -4.58 9.95 -14.00
CA GLN D 13 -5.74 9.07 -14.05
C GLN D 13 -6.95 9.95 -14.40
N PRO D 14 -7.91 9.40 -15.12
CA PRO D 14 -9.06 10.19 -15.47
C PRO D 14 -9.92 10.53 -14.27
N ASP D 15 -10.56 11.72 -14.28
CA ASP D 15 -11.44 12.13 -13.16
C ASP D 15 -12.75 11.38 -13.17
N ALA D 16 -13.50 11.45 -12.06
CA ALA D 16 -14.82 10.76 -11.87
C ALA D 16 -15.74 11.00 -13.05
N ALA D 17 -15.95 12.29 -13.34
CA ALA D 17 -16.70 12.78 -14.49
C ALA D 17 -16.45 11.94 -15.74
N GLN D 18 -15.21 11.86 -16.20
CA GLN D 18 -14.84 11.13 -17.42
C GLN D 18 -15.03 9.69 -17.33
N VAL D 19 -15.29 9.19 -16.13
CA VAL D 19 -15.33 7.76 -15.96
C VAL D 19 -16.73 7.24 -15.62
N ALA D 20 -17.58 8.19 -15.20
CA ALA D 20 -18.99 8.03 -14.79
C ALA D 20 -19.70 7.06 -15.67
N THR D 21 -19.91 7.45 -16.94
CA THR D 21 -20.55 6.59 -17.93
C THR D 21 -20.20 5.13 -17.71
N TYR D 22 -18.90 4.82 -17.70
CA TYR D 22 -18.47 3.46 -17.55
C TYR D 22 -18.72 2.87 -16.16
N THR D 23 -18.58 3.67 -15.12
CA THR D 23 -18.72 3.13 -13.78
C THR D 23 -20.19 2.79 -13.53
N ASN D 24 -21.09 3.73 -13.88
CA ASN D 24 -22.55 3.57 -13.79
C ASN D 24 -22.93 2.22 -14.33
N ALA D 25 -22.54 1.94 -15.56
CA ALA D 25 -22.78 0.65 -16.16
C ALA D 25 -22.31 -0.52 -15.29
N LEU D 26 -21.21 -0.39 -14.56
CA LEU D 26 -20.74 -1.50 -13.73
C LEU D 26 -21.57 -1.58 -12.45
N ASN D 27 -22.03 -0.41 -12.00
CA ASN D 27 -22.87 -0.30 -10.81
C ASN D 27 -24.28 -0.86 -11.03
N VAL D 28 -24.62 -1.06 -12.29
CA VAL D 28 -25.83 -1.71 -12.72
C VAL D 28 -25.38 -3.17 -12.66
N LEU D 29 -24.90 -3.74 -13.76
CA LEU D 29 -24.65 -5.19 -13.89
C LEU D 29 -23.93 -6.02 -12.78
N TYR D 30 -23.21 -5.35 -11.88
CA TYR D 30 -22.53 -6.02 -10.74
C TYR D 30 -23.03 -5.45 -9.42
N GLY D 31 -23.79 -4.34 -9.50
CA GLY D 31 -24.54 -3.74 -8.38
C GLY D 31 -23.88 -3.17 -7.16
N GLY D 32 -23.22 -4.07 -6.41
CA GLY D 32 -22.49 -3.75 -5.20
C GLY D 32 -21.18 -4.50 -5.19
N ASN D 33 -20.93 -5.26 -6.24
CA ASN D 33 -19.64 -5.92 -6.46
C ASN D 33 -18.83 -5.20 -7.54
N ALA D 34 -19.39 -4.06 -7.91
CA ALA D 34 -18.81 -3.11 -8.83
C ALA D 34 -17.59 -2.59 -8.10
N PRO D 35 -16.46 -2.40 -8.82
CA PRO D 35 -15.28 -1.89 -8.15
C PRO D 35 -15.51 -0.42 -7.80
N LYS D 36 -14.71 0.12 -6.90
CA LYS D 36 -14.88 1.51 -6.49
C LYS D 36 -14.44 2.46 -7.65
N ILE D 37 -14.88 3.73 -7.70
CA ILE D 37 -14.42 4.58 -8.82
C ILE D 37 -12.91 4.70 -8.77
N SER D 38 -12.35 4.81 -7.55
CA SER D 38 -10.92 4.85 -7.23
C SER D 38 -10.31 3.76 -8.04
N GLU D 39 -10.74 2.54 -7.77
CA GLU D 39 -10.31 1.37 -8.50
C GLU D 39 -10.49 1.45 -9.99
N VAL D 40 -11.49 2.16 -10.45
CA VAL D 40 -11.73 2.15 -11.89
C VAL D 40 -10.70 3.09 -12.54
N GLN D 41 -10.65 4.34 -12.07
CA GLN D 41 -9.72 5.34 -12.50
C GLN D 41 -8.31 4.77 -12.58
N ALA D 42 -7.89 4.12 -11.49
CA ALA D 42 -6.63 3.43 -11.35
C ALA D 42 -6.39 2.49 -12.48
N ASN D 43 -7.35 1.63 -12.75
CA ASN D 43 -7.22 0.63 -13.80
C ASN D 43 -7.07 1.27 -15.16
N PHE D 44 -7.76 2.38 -15.36
CA PHE D 44 -7.77 3.08 -16.62
C PHE D 44 -6.41 3.59 -16.94
N ILE D 45 -5.90 4.50 -16.11
CA ILE D 45 -4.55 5.03 -16.37
C ILE D 45 -3.53 3.92 -16.42
N SER D 46 -3.68 2.87 -15.61
CA SER D 46 -2.83 1.74 -15.82
C SER D 46 -2.88 1.23 -17.27
N ARG D 47 -4.08 0.88 -17.74
CA ARG D 47 -4.29 0.37 -19.09
C ARG D 47 -3.62 1.29 -20.14
N PHE D 48 -3.76 2.62 -19.92
CA PHE D 48 -3.24 3.65 -20.82
C PHE D 48 -1.78 3.58 -20.96
N SER D 49 -1.06 3.67 -19.83
CA SER D 49 0.39 3.68 -19.81
C SER D 49 0.98 2.39 -20.32
N SER D 50 0.31 1.28 -20.03
CA SER D 50 0.76 0.04 -20.56
C SER D 50 0.76 0.11 -22.09
N ALA D 51 -0.26 0.74 -22.67
CA ALA D 51 -0.35 0.82 -24.10
C ALA D 51 0.64 1.82 -24.62
N PHE D 52 0.79 2.90 -23.85
CA PHE D 52 1.68 3.96 -24.25
C PHE D 52 3.08 3.50 -24.36
N SER D 53 3.50 2.61 -23.46
CA SER D 53 4.85 2.13 -23.51
C SER D 53 5.01 1.07 -24.53
N ALA D 54 3.92 0.57 -25.11
CA ALA D 54 4.05 -0.47 -26.14
C ALA D 54 4.26 0.26 -27.41
N LEU D 55 3.50 1.37 -27.54
CA LEU D 55 3.55 2.23 -28.71
C LEU D 55 4.97 2.63 -28.81
N SER D 56 5.50 3.20 -27.73
CA SER D 56 6.88 3.56 -27.63
C SER D 56 7.87 2.48 -28.10
N GLU D 57 7.73 1.25 -27.65
CA GLU D 57 8.56 0.18 -28.14
C GLU D 57 8.49 -0.05 -29.64
N VAL D 58 7.27 0.02 -30.22
CA VAL D 58 7.04 -0.11 -31.67
C VAL D 58 7.73 1.04 -32.34
N LEU D 59 7.35 2.26 -32.02
CA LEU D 59 7.91 3.43 -32.63
C LEU D 59 9.44 3.54 -32.70
N ASP D 60 10.15 2.88 -31.79
CA ASP D 60 11.56 2.92 -31.80
C ASP D 60 11.96 1.98 -32.89
N ASN D 61 11.36 0.78 -32.94
CA ASN D 61 11.65 -0.28 -33.95
C ASN D 61 11.45 0.02 -35.45
N GLN D 62 10.70 1.08 -35.79
CA GLN D 62 10.50 1.49 -37.17
C GLN D 62 11.81 1.83 -37.89
N LYS D 63 11.87 1.52 -39.21
CA LYS D 63 13.04 1.75 -40.09
C LYS D 63 13.59 3.13 -39.82
N GLU D 64 12.78 4.18 -39.96
CA GLU D 64 13.24 5.50 -39.50
C GLU D 64 12.70 5.47 -38.06
N ARG D 65 13.59 5.44 -37.07
CA ARG D 65 13.27 5.40 -35.62
C ARG D 65 12.53 6.62 -35.21
N GLU D 66 11.60 6.42 -34.27
CA GLU D 66 10.82 7.51 -33.72
C GLU D 66 10.87 7.48 -32.19
N LYS D 67 10.95 8.64 -31.52
CA LYS D 67 11.11 8.65 -30.04
C LYS D 67 9.96 9.18 -29.17
N LEU D 68 9.22 8.22 -28.58
CA LEU D 68 8.10 8.53 -27.68
C LEU D 68 8.48 8.07 -26.29
N THR D 69 8.13 8.85 -25.29
CA THR D 69 8.58 8.69 -23.91
C THR D 69 7.49 8.72 -22.82
N ILE D 70 7.57 7.81 -21.88
CA ILE D 70 6.71 7.85 -20.72
C ILE D 70 7.52 7.63 -19.43
N GLU D 71 7.48 8.58 -18.52
CA GLU D 71 8.24 8.40 -17.28
C GLU D 71 7.49 9.06 -16.16
N GLN D 72 7.68 8.64 -14.90
CA GLN D 72 6.97 9.36 -13.81
C GLN D 72 7.49 10.82 -13.62
N SER D 73 6.57 11.79 -13.66
CA SER D 73 6.90 13.18 -13.48
C SER D 73 7.78 13.46 -12.26
N VAL D 74 7.36 13.01 -11.09
CA VAL D 74 8.19 13.15 -9.90
C VAL D 74 8.71 11.78 -9.79
N LYS D 75 10.05 11.58 -9.87
CA LYS D 75 10.62 10.21 -9.83
C LYS D 75 10.22 9.43 -8.61
N GLY D 76 9.74 8.24 -8.90
CA GLY D 76 9.34 7.39 -7.83
C GLY D 76 8.03 7.75 -7.20
N GLN D 77 7.17 8.52 -7.90
CA GLN D 77 5.79 8.90 -7.45
C GLN D 77 4.92 8.38 -8.56
N ALA D 78 3.77 7.83 -8.22
CA ALA D 78 2.96 7.07 -9.17
C ALA D 78 2.37 7.81 -10.31
N LEU D 79 1.78 8.95 -10.02
CA LEU D 79 1.16 9.80 -11.01
C LEU D 79 1.65 11.13 -10.57
N PRO D 80 1.80 12.08 -11.48
CA PRO D 80 1.58 12.09 -12.90
C PRO D 80 2.69 11.48 -13.76
N LEU D 81 2.34 11.24 -15.00
CA LEU D 81 3.24 10.75 -15.94
C LEU D 81 3.61 11.89 -16.83
N SER D 82 4.85 11.84 -17.30
CA SER D 82 5.33 12.80 -18.23
C SER D 82 5.54 12.11 -19.52
N VAL D 83 4.75 12.51 -20.54
CA VAL D 83 4.92 11.95 -21.88
C VAL D 83 5.61 12.90 -22.81
N SER D 84 6.46 12.37 -23.69
CA SER D 84 7.20 13.27 -24.59
C SER D 84 7.54 12.70 -25.96
N TYR D 85 7.68 13.63 -26.92
CA TYR D 85 7.97 13.28 -28.29
C TYR D 85 8.90 14.24 -28.93
N VAL D 86 9.85 13.65 -29.66
CA VAL D 86 10.86 14.35 -30.47
C VAL D 86 10.44 14.31 -31.95
N SER D 87 10.59 15.46 -32.61
CA SER D 87 10.40 15.59 -34.04
C SER D 87 11.08 16.80 -34.61
N THR D 88 11.50 16.61 -35.86
CA THR D 88 12.11 17.56 -36.83
C THR D 88 11.83 19.04 -36.64
N THR D 89 10.55 19.39 -36.45
CA THR D 89 10.07 20.75 -36.28
C THR D 89 9.43 20.92 -34.90
N ALA D 90 9.38 22.15 -34.37
CA ALA D 90 8.70 22.47 -33.08
C ALA D 90 7.21 22.08 -33.04
N GLU D 91 6.33 22.85 -33.68
CA GLU D 91 4.88 22.59 -33.80
C GLU D 91 4.53 21.15 -34.23
N GLY D 92 5.38 20.57 -35.07
CA GLY D 92 5.21 19.20 -35.52
C GLY D 92 5.35 18.17 -34.40
N ALA D 93 6.25 18.45 -33.46
CA ALA D 93 6.47 17.58 -32.31
C ALA D 93 5.33 17.70 -31.35
N GLN D 94 4.75 18.89 -31.25
CA GLN D 94 3.61 19.18 -30.43
C GLN D 94 2.42 18.39 -30.92
N ARG D 95 2.01 18.66 -32.16
CA ARG D 95 0.84 17.99 -32.74
C ARG D 95 1.02 16.48 -32.66
N ARG D 96 2.14 15.94 -33.16
CA ARG D 96 2.28 14.48 -33.21
C ARG D 96 2.25 13.78 -31.84
N LEU D 97 2.56 14.53 -30.77
CA LEU D 97 2.49 14.00 -29.37
C LEU D 97 1.03 13.80 -29.23
N ALA D 98 0.31 14.91 -29.04
CA ALA D 98 -1.13 14.97 -28.91
C ALA D 98 -1.84 13.88 -29.71
N GLU D 99 -1.36 13.71 -30.93
CA GLU D 99 -1.87 12.72 -31.84
C GLU D 99 -1.70 11.35 -31.18
N TYR D 100 -0.44 10.93 -31.01
CA TYR D 100 -0.14 9.62 -30.42
C TYR D 100 -0.82 9.30 -29.05
N ILE D 101 -1.13 10.37 -28.30
CA ILE D 101 -1.80 10.32 -27.07
C ILE D 101 -3.18 9.88 -27.41
N GLN D 102 -3.94 10.64 -28.23
CA GLN D 102 -5.33 10.20 -28.55
C GLN D 102 -5.32 8.84 -29.29
N GLN D 103 -4.25 8.51 -29.99
CA GLN D 103 -4.16 7.25 -30.72
C GLN D 103 -4.17 6.03 -29.78
N VAL D 104 -4.04 6.30 -28.48
CA VAL D 104 -3.94 5.30 -27.40
C VAL D 104 -5.20 5.31 -26.59
N ASP D 105 -5.62 6.51 -26.20
CA ASP D 105 -6.86 6.73 -25.48
C ASP D 105 -8.02 6.01 -26.18
N GLU D 106 -8.06 6.13 -27.51
CA GLU D 106 -9.03 5.47 -28.34
C GLU D 106 -8.82 3.99 -28.22
N GLU D 107 -7.66 3.51 -28.66
CA GLU D 107 -7.31 2.08 -28.67
C GLU D 107 -7.73 1.29 -27.41
N VAL D 108 -7.64 1.99 -26.28
CA VAL D 108 -7.95 1.46 -24.98
C VAL D 108 -9.45 1.48 -24.78
N ALA D 109 -10.08 2.65 -24.94
CA ALA D 109 -11.53 2.79 -24.83
C ALA D 109 -12.28 1.68 -25.62
N LYS D 110 -11.82 1.37 -26.83
CA LYS D 110 -12.38 0.36 -27.68
C LYS D 110 -12.19 -1.03 -27.10
N GLU D 111 -11.20 -1.24 -26.24
CA GLU D 111 -11.00 -2.59 -25.72
C GLU D 111 -11.86 -2.64 -24.52
N LEU D 112 -12.13 -1.48 -23.94
CA LEU D 112 -12.98 -1.39 -22.79
C LEU D 112 -14.42 -1.47 -23.22
N GLU D 113 -14.76 -1.01 -24.43
CA GLU D 113 -16.14 -1.12 -24.94
C GLU D 113 -16.31 -2.59 -25.14
N VAL D 114 -15.37 -3.23 -25.85
CA VAL D 114 -15.36 -4.67 -26.09
C VAL D 114 -15.57 -5.47 -24.82
N ASP D 115 -14.95 -5.06 -23.72
CA ASP D 115 -15.10 -5.80 -22.47
C ASP D 115 -16.42 -5.65 -21.77
N LEU D 116 -16.98 -4.43 -21.79
CA LEU D 116 -18.26 -4.16 -21.16
C LEU D 116 -19.36 -4.92 -21.92
N LYS D 117 -19.26 -4.92 -23.26
CA LYS D 117 -20.11 -5.64 -24.19
C LYS D 117 -20.13 -7.08 -23.80
N ASP D 118 -18.94 -7.66 -23.66
CA ASP D 118 -18.75 -9.05 -23.23
C ASP D 118 -19.37 -9.36 -21.90
N ASN D 119 -19.23 -8.42 -20.96
CA ASN D 119 -19.82 -8.57 -19.65
C ASN D 119 -21.32 -8.51 -19.69
N ILE D 120 -21.88 -7.59 -20.49
CA ILE D 120 -23.33 -7.49 -20.69
C ILE D 120 -23.86 -8.84 -21.19
N THR D 121 -23.24 -9.37 -22.24
CA THR D 121 -23.56 -10.69 -22.83
C THR D 121 -23.42 -11.83 -21.77
N LEU D 122 -22.51 -11.74 -20.81
CA LEU D 122 -22.46 -12.76 -19.76
C LEU D 122 -23.60 -12.59 -18.75
N GLN D 123 -23.75 -11.40 -18.16
CA GLN D 123 -24.82 -11.11 -17.18
C GLN D 123 -26.24 -11.35 -17.66
N THR D 124 -26.51 -11.03 -18.93
CA THR D 124 -27.80 -11.34 -19.57
C THR D 124 -28.00 -12.86 -19.58
N LYS D 125 -27.04 -13.61 -20.12
CA LYS D 125 -27.08 -15.08 -20.22
C LYS D 125 -26.95 -15.76 -18.84
N THR D 126 -26.35 -15.08 -17.86
CA THR D 126 -26.25 -15.65 -16.51
C THR D 126 -27.60 -15.42 -15.78
N LEU D 127 -28.31 -14.35 -16.15
CA LEU D 127 -29.61 -14.11 -15.55
C LEU D 127 -30.77 -14.64 -16.42
N GLN D 128 -30.43 -15.18 -17.59
CA GLN D 128 -31.40 -15.87 -18.43
C GLN D 128 -31.44 -17.23 -17.79
N GLU D 129 -30.27 -17.88 -17.66
CA GLU D 129 -30.08 -19.22 -17.03
C GLU D 129 -30.59 -19.35 -15.57
N SER D 130 -30.75 -18.21 -14.88
CA SER D 130 -31.31 -18.14 -13.53
C SER D 130 -32.84 -18.09 -13.63
N LEU D 131 -33.36 -17.24 -14.52
CA LEU D 131 -34.82 -17.11 -14.71
C LEU D 131 -35.50 -18.29 -15.45
N GLU D 132 -34.70 -19.16 -16.07
CA GLU D 132 -35.18 -20.39 -16.72
C GLU D 132 -35.37 -21.46 -15.64
N THR D 133 -34.69 -21.30 -14.49
CA THR D 133 -34.83 -22.18 -13.32
C THR D 133 -35.87 -21.54 -12.37
N GLN D 134 -35.96 -20.20 -12.41
CA GLN D 134 -36.93 -19.45 -11.62
C GLN D 134 -38.35 -19.61 -12.22
N GLU D 135 -38.44 -19.94 -13.53
CA GLU D 135 -39.72 -20.25 -14.21
C GLU D 135 -40.04 -21.78 -14.13
N VAL D 136 -39.18 -22.51 -13.41
CA VAL D 136 -39.33 -23.93 -13.04
C VAL D 136 -39.76 -23.91 -11.53
N VAL D 137 -39.64 -22.74 -10.90
CA VAL D 137 -40.05 -22.51 -9.51
C VAL D 137 -41.30 -21.58 -9.41
N ALA D 138 -41.52 -20.74 -10.44
CA ALA D 138 -42.72 -19.86 -10.55
C ALA D 138 -43.96 -20.69 -10.92
N GLN D 139 -43.69 -21.77 -11.67
CA GLN D 139 -44.59 -22.82 -12.08
C GLN D 139 -44.90 -23.61 -10.79
N GLU D 140 -43.83 -23.91 -10.04
CA GLU D 140 -43.85 -24.70 -8.79
C GLU D 140 -44.65 -24.08 -7.61
N GLN D 141 -44.85 -22.76 -7.69
CA GLN D 141 -45.54 -21.92 -6.72
C GLN D 141 -47.01 -22.38 -6.50
N LYS D 142 -47.72 -22.65 -7.60
CA LYS D 142 -49.09 -23.15 -7.63
C LYS D 142 -49.10 -24.47 -8.42
N ASP D 143 -48.29 -25.42 -7.94
CA ASP D 143 -48.09 -26.75 -8.53
C ASP D 143 -48.31 -27.78 -7.41
N LEU D 144 -48.17 -27.32 -6.16
CA LEU D 144 -48.41 -28.14 -4.95
C LEU D 144 -49.75 -27.75 -4.23
N ARG D 145 -50.38 -26.66 -4.68
CA ARG D 145 -51.66 -26.13 -4.10
C ARG D 145 -52.91 -26.62 -4.87
N SER D 200 -41.70 -14.28 -4.84
CA SER D 200 -41.13 -13.22 -3.99
C SER D 200 -41.04 -11.86 -4.71
N PRO D 201 -41.30 -10.73 -3.98
CA PRO D 201 -41.08 -9.42 -4.62
C PRO D 201 -39.58 -9.04 -4.69
N ALA D 202 -38.71 -9.88 -4.08
CA ALA D 202 -37.25 -9.76 -4.09
C ALA D 202 -36.65 -10.13 -5.46
N TYR D 203 -37.02 -11.31 -6.01
CA TYR D 203 -36.57 -11.78 -7.34
C TYR D 203 -37.32 -11.11 -8.55
N TYR D 204 -38.14 -10.10 -8.23
CA TYR D 204 -38.87 -9.24 -9.18
C TYR D 204 -38.13 -7.88 -9.30
N GLN D 205 -36.94 -7.82 -8.66
CA GLN D 205 -35.98 -6.69 -8.73
C GLN D 205 -34.79 -7.14 -9.61
N THR D 206 -34.60 -8.47 -9.67
CA THR D 206 -33.61 -9.15 -10.49
C THR D 206 -33.95 -9.02 -11.97
N LYS D 207 -35.22 -9.21 -12.29
CA LYS D 207 -35.73 -9.05 -13.64
C LYS D 207 -35.89 -7.56 -13.92
N GLN D 208 -36.14 -6.76 -12.88
CA GLN D 208 -36.29 -5.31 -13.02
C GLN D 208 -34.99 -4.63 -13.38
N THR D 209 -33.84 -5.11 -12.83
CA THR D 209 -32.52 -4.57 -13.18
C THR D 209 -32.14 -5.09 -14.53
N LEU D 210 -32.19 -6.42 -14.76
CA LEU D 210 -31.84 -7.07 -16.06
C LEU D 210 -32.52 -6.52 -17.35
N LEU D 211 -33.01 -5.28 -17.21
CA LEU D 211 -33.66 -4.44 -18.21
C LEU D 211 -32.85 -3.16 -18.32
N ASP D 212 -32.32 -2.65 -17.19
CA ASP D 212 -31.40 -1.48 -17.17
C ASP D 212 -30.16 -1.98 -17.90
N ILE D 213 -29.72 -3.20 -17.57
CA ILE D 213 -28.65 -3.95 -18.24
C ILE D 213 -28.91 -4.13 -19.74
N LYS D 214 -30.13 -4.60 -20.08
CA LYS D 214 -30.59 -4.78 -21.48
C LYS D 214 -30.57 -3.45 -22.25
N ASN D 215 -30.83 -2.34 -21.54
CA ASN D 215 -30.76 -0.98 -22.05
C ASN D 215 -29.26 -0.62 -22.22
N LEU D 216 -28.64 0.09 -21.25
CA LEU D 216 -27.22 0.55 -21.28
C LEU D 216 -26.56 1.00 -22.58
N LYS D 217 -26.59 2.30 -22.80
CA LYS D 217 -25.97 2.90 -23.94
C LYS D 217 -24.59 3.28 -23.40
N VAL D 218 -23.54 2.78 -24.06
CA VAL D 218 -22.13 3.06 -23.67
C VAL D 218 -21.26 3.12 -24.91
N THR D 219 -21.22 4.31 -25.46
CA THR D 219 -20.44 4.57 -26.67
C THR D 219 -19.00 4.82 -26.26
N ALA D 220 -18.08 4.15 -26.95
CA ALA D 220 -16.62 4.21 -26.69
C ALA D 220 -15.96 5.60 -26.78
N ASP D 221 -16.72 6.58 -27.27
CA ASP D 221 -16.28 7.96 -27.35
C ASP D 221 -16.56 8.71 -26.05
N THR D 222 -17.18 8.03 -25.07
CA THR D 222 -17.46 8.65 -23.76
C THR D 222 -16.60 8.03 -22.64
N VAL D 223 -15.61 7.24 -23.06
CA VAL D 223 -14.66 6.56 -22.19
C VAL D 223 -13.28 7.19 -22.41
N HIS D 224 -12.77 7.79 -21.35
CA HIS D 224 -11.50 8.47 -21.40
C HIS D 224 -10.59 7.93 -20.35
N VAL D 225 -9.43 7.44 -20.77
CA VAL D 225 -8.53 6.78 -19.86
C VAL D 225 -7.36 7.58 -19.27
N TYR D 226 -7.30 8.90 -19.52
CA TYR D 226 -6.25 9.78 -18.98
C TYR D 226 -6.87 11.13 -18.91
N ARG D 227 -6.30 12.04 -18.14
CA ARG D 227 -6.73 13.44 -18.09
C ARG D 227 -5.42 14.21 -18.33
N TYR D 228 -5.45 15.37 -18.95
CA TYR D 228 -4.22 16.15 -19.06
C TYR D 228 -4.05 16.84 -17.78
N VAL D 229 -2.81 17.16 -17.43
CA VAL D 229 -2.54 17.95 -16.24
C VAL D 229 -1.93 19.16 -16.86
N MSE D 230 -1.34 18.91 -18.05
CA MSE D 230 -0.67 19.91 -18.89
C MSE D 230 -0.65 19.36 -20.30
O MSE D 230 -0.14 18.25 -20.53
CB MSE D 230 0.75 20.20 -18.46
CG MSE D 230 1.32 21.48 -18.99
SE MSE D 230 3.38 21.53 -18.94
CE MSE D 230 3.68 19.83 -20.02
N LYS D 231 -1.21 20.15 -21.22
CA LYS D 231 -1.32 19.79 -22.64
C LYS D 231 0.06 19.83 -23.27
N PRO D 232 0.33 19.00 -24.29
CA PRO D 232 1.65 19.00 -24.99
C PRO D 232 2.16 20.41 -25.24
N THR D 233 3.43 20.65 -24.95
CA THR D 233 4.02 22.00 -25.01
C THR D 233 4.51 22.39 -26.36
N LEU D 234 4.60 23.70 -26.58
CA LEU D 234 5.25 24.22 -27.80
C LEU D 234 6.71 24.64 -27.44
N PRO D 235 7.68 23.80 -27.83
CA PRO D 235 9.07 23.95 -27.46
C PRO D 235 9.66 25.25 -27.93
N VAL D 236 9.97 26.13 -26.98
CA VAL D 236 10.70 27.35 -27.28
C VAL D 236 12.10 26.97 -27.91
N ARG D 237 13.03 26.37 -27.18
CA ARG D 237 14.36 25.94 -27.72
C ARG D 237 14.33 24.61 -28.45
N ARG D 238 15.41 24.27 -29.16
CA ARG D 238 15.54 22.99 -29.87
C ARG D 238 16.26 22.12 -28.89
N ASP D 239 16.66 20.89 -29.23
CA ASP D 239 17.37 20.07 -28.24
C ASP D 239 18.87 20.47 -28.06
N SER D 240 19.80 19.51 -28.08
CA SER D 240 21.28 19.74 -27.92
C SER D 240 22.09 18.43 -27.99
N PRO D 241 23.35 18.47 -28.52
CA PRO D 241 24.17 17.23 -28.50
C PRO D 241 24.80 16.98 -27.11
N GLU E 3 25.86 33.86 -11.54
CA GLU E 3 24.82 34.61 -10.79
C GLU E 3 23.53 33.78 -10.61
N LYS E 4 23.70 32.47 -10.43
CA LYS E 4 22.58 31.55 -10.19
C LYS E 4 22.58 31.12 -8.71
N TRP E 5 21.43 31.21 -8.07
CA TRP E 5 21.29 30.84 -6.65
C TRP E 5 20.05 30.00 -6.35
N THR E 6 20.23 28.75 -5.91
CA THR E 6 19.13 27.83 -5.63
C THR E 6 18.52 27.96 -4.21
N SER E 7 17.20 28.17 -4.10
CA SER E 7 16.53 28.16 -2.77
C SER E 7 15.85 26.84 -2.62
N THR E 8 15.65 26.37 -1.38
CA THR E 8 15.07 25.05 -1.15
C THR E 8 14.10 24.93 -0.01
N ALA E 9 12.87 24.55 -0.31
CA ALA E 9 11.95 24.23 0.77
C ALA E 9 11.78 22.72 0.80
N ILE E 10 11.32 22.20 1.94
CA ILE E 10 10.94 20.79 2.08
C ILE E 10 9.52 20.90 2.53
N ILE E 11 8.66 20.17 1.83
CA ILE E 11 7.24 20.23 1.97
C ILE E 11 6.58 18.89 2.18
N THR E 12 5.56 18.82 3.04
CA THR E 12 4.84 17.55 3.22
C THR E 12 3.30 17.63 3.13
N GLN E 13 2.62 16.50 3.33
CA GLN E 13 1.16 16.47 3.35
C GLN E 13 0.61 17.40 4.40
N PRO E 14 -0.57 17.95 4.12
CA PRO E 14 -1.01 18.83 5.16
C PRO E 14 -1.52 18.01 6.36
N ASP E 15 -1.27 18.54 7.56
CA ASP E 15 -1.68 17.90 8.82
C ASP E 15 -3.19 17.88 8.99
N ALA E 16 -3.69 16.88 9.73
CA ALA E 16 -5.13 16.57 9.97
C ALA E 16 -6.03 17.78 10.19
N ALA E 17 -5.52 18.72 10.97
CA ALA E 17 -6.13 19.97 11.30
C ALA E 17 -6.32 20.90 10.12
N GLN E 18 -5.35 21.04 9.25
CA GLN E 18 -5.46 21.89 8.08
C GLN E 18 -6.45 21.37 7.05
N VAL E 19 -6.95 20.17 7.30
CA VAL E 19 -7.82 19.44 6.39
C VAL E 19 -9.20 19.22 7.01
N ALA E 20 -9.31 19.64 8.28
CA ALA E 20 -10.50 19.50 9.13
C ALA E 20 -11.82 19.58 8.36
N THR E 21 -12.14 20.79 7.91
CA THR E 21 -13.40 21.05 7.23
C THR E 21 -13.69 20.04 6.11
N TYR E 22 -12.81 20.01 5.12
CA TYR E 22 -12.91 19.12 3.96
C TYR E 22 -13.13 17.65 4.34
N THR E 23 -12.52 17.19 5.42
CA THR E 23 -12.69 15.80 5.84
C THR E 23 -14.09 15.60 6.42
N ASN E 24 -14.55 16.58 7.21
CA ASN E 24 -15.87 16.55 7.87
C ASN E 24 -16.97 16.53 6.82
N ALA E 25 -16.84 17.50 5.90
CA ALA E 25 -17.70 17.66 4.75
C ALA E 25 -17.77 16.33 4.02
N LEU E 26 -16.64 15.66 3.81
CA LEU E 26 -16.69 14.36 3.16
C LEU E 26 -17.44 13.28 3.92
N ASN E 27 -17.48 13.39 5.26
CA ASN E 27 -18.19 12.42 6.10
C ASN E 27 -19.64 12.70 6.00
N VAL E 28 -20.00 14.00 6.11
CA VAL E 28 -21.38 14.52 6.02
C VAL E 28 -22.14 13.93 4.84
N LEU E 29 -21.49 13.82 3.69
CA LEU E 29 -22.10 13.24 2.50
C LEU E 29 -21.96 11.72 2.36
N TYR E 30 -21.01 11.06 3.04
CA TYR E 30 -20.77 9.60 2.79
C TYR E 30 -20.69 8.65 4.02
N GLY E 31 -20.59 9.25 5.22
CA GLY E 31 -20.55 8.54 6.50
C GLY E 31 -19.41 7.55 6.57
N GLY E 32 -19.78 6.28 6.69
CA GLY E 32 -18.84 5.17 6.79
C GLY E 32 -18.10 4.88 5.50
N ASN E 33 -18.59 5.38 4.38
CA ASN E 33 -17.90 5.16 3.12
C ASN E 33 -17.03 6.29 2.66
N ALA E 34 -16.87 7.27 3.54
CA ALA E 34 -15.99 8.40 3.26
C ALA E 34 -14.57 7.86 3.34
N PRO E 35 -13.65 8.43 2.56
CA PRO E 35 -12.27 8.09 2.71
C PRO E 35 -11.76 8.51 4.10
N LYS E 36 -10.75 7.78 4.57
CA LYS E 36 -10.10 8.02 5.85
C LYS E 36 -9.48 9.38 5.84
N ILE E 37 -9.29 9.96 7.01
CA ILE E 37 -8.63 11.27 7.17
C ILE E 37 -7.33 11.17 6.39
N SER E 38 -6.54 10.15 6.70
CA SER E 38 -5.26 9.84 6.07
C SER E 38 -5.31 9.86 4.57
N GLU E 39 -6.34 9.28 3.98
CA GLU E 39 -6.49 9.18 2.55
C GLU E 39 -6.67 10.49 1.88
N VAL E 40 -7.30 11.42 2.58
CA VAL E 40 -7.56 12.75 2.08
C VAL E 40 -6.24 13.45 2.06
N GLN E 41 -5.51 13.37 3.18
CA GLN E 41 -4.22 14.03 3.34
C GLN E 41 -3.29 13.67 2.19
N ALA E 42 -3.17 12.37 1.94
CA ALA E 42 -2.41 11.81 0.87
C ALA E 42 -2.89 12.40 -0.44
N ASN E 43 -4.19 12.28 -0.73
CA ASN E 43 -4.77 12.85 -1.95
C ASN E 43 -4.43 14.31 -2.13
N PHE E 44 -4.47 15.10 -1.07
CA PHE E 44 -4.17 16.51 -1.19
C PHE E 44 -2.76 16.78 -1.70
N ILE E 45 -1.76 16.29 -0.97
CA ILE E 45 -0.35 16.47 -1.31
C ILE E 45 -0.08 15.89 -2.68
N SER E 46 -0.71 14.77 -3.01
CA SER E 46 -0.60 14.24 -4.33
C SER E 46 -1.01 15.27 -5.37
N ARG E 47 -2.06 16.05 -5.10
CA ARG E 47 -2.55 17.02 -6.04
C ARG E 47 -1.59 18.17 -6.12
N PHE E 48 -1.13 18.64 -4.96
CA PHE E 48 -0.12 19.72 -4.90
C PHE E 48 1.05 19.41 -5.79
N SER E 49 1.61 18.21 -5.59
CA SER E 49 2.76 17.70 -6.26
C SER E 49 2.61 17.62 -7.73
N SER E 50 1.48 17.14 -8.18
CA SER E 50 1.25 16.95 -9.58
C SER E 50 1.17 18.30 -10.28
N ALA E 51 0.53 19.24 -9.63
CA ALA E 51 0.41 20.53 -10.21
C ALA E 51 1.73 21.23 -10.18
N PHE E 52 2.48 21.07 -9.09
CA PHE E 52 3.78 21.70 -8.94
C PHE E 52 4.68 21.21 -10.02
N SER E 53 4.59 19.93 -10.39
CA SER E 53 5.46 19.52 -11.46
C SER E 53 5.01 20.02 -12.83
N ALA E 54 3.83 20.59 -12.90
CA ALA E 54 3.38 21.08 -14.17
C ALA E 54 3.98 22.40 -14.34
N LEU E 55 3.86 23.21 -13.29
CA LEU E 55 4.39 24.58 -13.25
C LEU E 55 5.81 24.51 -13.72
N SER E 56 6.58 23.71 -13.00
CA SER E 56 7.91 23.36 -13.27
C SER E 56 8.22 23.10 -14.75
N GLU E 57 7.40 22.31 -15.43
CA GLU E 57 7.66 22.01 -16.85
C GLU E 57 7.35 23.23 -17.73
N VAL E 58 6.30 23.95 -17.34
CA VAL E 58 5.84 25.18 -18.00
C VAL E 58 6.93 26.22 -17.95
N LEU E 59 7.44 26.52 -16.75
CA LEU E 59 8.47 27.52 -16.53
C LEU E 59 9.77 27.24 -17.25
N ASP E 60 10.04 25.99 -17.56
CA ASP E 60 11.23 25.66 -18.26
C ASP E 60 10.95 25.70 -19.75
N ASN E 61 9.85 26.35 -20.15
CA ASN E 61 9.52 26.49 -21.55
C ASN E 61 9.11 27.87 -21.91
N GLN E 62 9.73 28.81 -21.24
CA GLN E 62 9.51 30.17 -21.54
C GLN E 62 10.72 30.55 -22.37
N LYS E 63 10.72 31.79 -22.90
CA LYS E 63 11.90 32.31 -23.56
C LYS E 63 12.72 32.54 -22.30
N GLU E 64 12.09 33.15 -21.31
CA GLU E 64 12.68 33.45 -20.04
C GLU E 64 12.64 32.23 -19.11
N ARG E 65 13.47 31.19 -19.41
CA ARG E 65 13.57 29.90 -18.64
C ARG E 65 13.68 30.16 -17.14
N GLU E 66 13.03 29.30 -16.36
CA GLU E 66 13.06 29.34 -14.92
C GLU E 66 13.27 27.86 -14.54
N LYS E 67 14.12 27.58 -13.54
CA LYS E 67 14.32 26.19 -13.12
C LYS E 67 13.67 26.10 -11.74
N LEU E 68 12.53 25.42 -11.69
CA LEU E 68 11.72 25.14 -10.50
C LEU E 68 11.58 23.64 -10.49
N THR E 69 11.89 22.95 -9.40
CA THR E 69 11.83 21.45 -9.38
C THR E 69 11.13 20.85 -8.18
N ILE E 70 10.79 19.57 -8.27
CA ILE E 70 10.18 18.85 -7.16
C ILE E 70 10.69 17.43 -7.24
N GLU E 71 11.14 16.91 -6.13
CA GLU E 71 11.63 15.56 -6.12
C GLU E 71 11.47 15.08 -4.70
N GLN E 72 11.30 13.77 -4.53
CA GLN E 72 11.18 13.20 -3.18
C GLN E 72 12.48 13.50 -2.42
N SER E 73 12.37 13.85 -1.16
CA SER E 73 13.53 14.20 -0.40
C SER E 73 14.37 12.99 -0.14
N VAL E 74 13.77 11.88 0.27
CA VAL E 74 14.52 10.65 0.44
C VAL E 74 14.19 9.89 -0.84
N LYS E 75 15.13 9.77 -1.80
CA LYS E 75 14.84 9.11 -3.10
C LYS E 75 14.21 7.76 -2.74
N GLY E 76 13.04 7.50 -3.30
CA GLY E 76 12.35 6.24 -3.06
C GLY E 76 11.30 6.25 -1.99
N GLN E 77 11.09 7.38 -1.34
CA GLN E 77 10.15 7.55 -0.22
C GLN E 77 9.22 8.67 -0.56
N ALA E 78 7.94 8.34 -0.52
CA ALA E 78 6.82 9.18 -0.91
C ALA E 78 6.80 10.56 -0.35
N LEU E 79 7.00 10.73 0.96
CA LEU E 79 7.05 12.07 1.57
C LEU E 79 8.25 12.14 2.51
N PRO E 80 8.87 13.31 2.67
CA PRO E 80 8.55 14.61 2.17
C PRO E 80 9.17 14.78 0.81
N LEU E 81 8.82 15.89 0.22
CA LEU E 81 9.40 16.17 -1.03
C LEU E 81 9.95 17.54 -0.89
N SER E 82 11.05 17.72 -1.58
CA SER E 82 11.74 18.94 -1.52
C SER E 82 11.68 19.59 -2.86
N VAL E 83 11.39 20.89 -2.79
CA VAL E 83 11.29 21.75 -3.94
C VAL E 83 12.40 22.75 -3.99
N SER E 84 12.83 23.09 -5.20
CA SER E 84 13.88 24.10 -5.32
C SER E 84 13.66 25.05 -6.48
N TYR E 85 14.21 26.26 -6.38
CA TYR E 85 14.13 27.27 -7.44
C TYR E 85 15.40 28.05 -7.61
N VAL E 86 15.85 28.22 -8.85
CA VAL E 86 17.05 29.01 -9.14
C VAL E 86 16.64 30.42 -9.59
N SER E 87 17.45 31.38 -9.19
CA SER E 87 17.27 32.77 -9.52
C SER E 87 18.59 33.53 -9.46
N THR E 88 18.47 34.78 -9.84
CA THR E 88 19.55 35.68 -10.11
C THR E 88 20.23 36.31 -8.89
N THR E 89 19.45 36.56 -7.87
CA THR E 89 19.88 37.13 -6.63
C THR E 89 19.45 36.12 -5.57
N ALA E 90 20.32 35.83 -4.59
CA ALA E 90 20.01 34.85 -3.50
C ALA E 90 18.69 35.10 -2.78
N GLU E 91 18.46 36.32 -2.36
CA GLU E 91 17.24 36.71 -1.67
C GLU E 91 16.10 36.69 -2.65
N GLY E 92 16.43 36.78 -3.95
CA GLY E 92 15.43 36.76 -5.00
C GLY E 92 14.81 35.39 -5.16
N ALA E 93 15.64 34.34 -5.04
CA ALA E 93 15.20 32.94 -5.14
C ALA E 93 14.22 32.63 -4.02
N GLN E 94 14.71 32.74 -2.79
CA GLN E 94 13.93 32.49 -1.59
C GLN E 94 12.55 33.10 -1.65
N ARG E 95 12.45 34.36 -2.11
CA ARG E 95 11.15 35.04 -2.19
C ARG E 95 10.29 34.41 -3.26
N ARG E 96 10.83 34.20 -4.46
CA ARG E 96 10.04 33.66 -5.58
C ARG E 96 9.57 32.22 -5.30
N LEU E 97 10.48 31.41 -4.75
CA LEU E 97 10.16 30.02 -4.43
C LEU E 97 8.95 30.04 -3.58
N ALA E 98 8.96 30.77 -2.48
CA ALA E 98 7.84 30.76 -1.56
C ALA E 98 6.56 31.23 -2.23
N GLU E 99 6.72 32.22 -3.11
CA GLU E 99 5.60 32.78 -3.84
C GLU E 99 5.02 31.69 -4.75
N TYR E 100 5.89 30.90 -5.39
CA TYR E 100 5.43 29.79 -6.22
C TYR E 100 4.72 28.67 -5.44
N ILE E 101 5.26 28.35 -4.28
CA ILE E 101 4.73 27.35 -3.42
C ILE E 101 3.31 27.80 -3.09
N GLN E 102 3.17 29.10 -2.77
CA GLN E 102 1.88 29.67 -2.45
C GLN E 102 0.97 29.66 -3.67
N GLN E 103 1.55 29.96 -4.83
CA GLN E 103 0.83 30.03 -6.09
C GLN E 103 0.14 28.72 -6.38
N VAL E 104 0.88 27.63 -6.27
CA VAL E 104 0.32 26.28 -6.52
C VAL E 104 -0.69 25.92 -5.48
N ASP E 105 -0.35 26.19 -4.22
CA ASP E 105 -1.22 25.87 -3.11
C ASP E 105 -2.62 26.38 -3.36
N GLU E 106 -2.68 27.69 -3.60
CA GLU E 106 -3.92 28.40 -3.86
C GLU E 106 -4.60 27.79 -5.04
N GLU E 107 -3.93 27.71 -6.19
CA GLU E 107 -4.48 27.15 -7.40
C GLU E 107 -5.24 25.83 -7.12
N VAL E 108 -4.60 24.94 -6.38
CA VAL E 108 -5.14 23.64 -6.07
C VAL E 108 -6.31 23.75 -5.14
N ALA E 109 -6.21 24.59 -4.11
CA ALA E 109 -7.28 24.75 -3.14
C ALA E 109 -8.61 25.02 -3.85
N LYS E 110 -8.62 26.04 -4.73
CA LYS E 110 -9.76 26.40 -5.58
C LYS E 110 -10.27 25.18 -6.36
N GLU E 111 -9.38 24.40 -6.95
CA GLU E 111 -9.78 23.24 -7.72
C GLU E 111 -10.40 22.19 -6.85
N LEU E 112 -10.15 22.25 -5.56
CA LEU E 112 -10.73 21.29 -4.61
C LEU E 112 -12.06 21.79 -4.15
N GLU E 113 -12.16 23.11 -3.99
CA GLU E 113 -13.39 23.83 -3.61
C GLU E 113 -14.48 23.43 -4.60
N VAL E 114 -14.21 23.60 -5.89
CA VAL E 114 -15.06 23.13 -6.97
C VAL E 114 -15.48 21.69 -6.77
N ASP E 115 -14.54 20.79 -6.54
CA ASP E 115 -14.88 19.37 -6.35
C ASP E 115 -15.83 19.02 -5.19
N LEU E 116 -15.81 19.91 -4.18
CA LEU E 116 -16.65 19.74 -3.03
C LEU E 116 -18.01 19.97 -3.60
N LYS E 117 -18.23 21.19 -4.15
CA LYS E 117 -19.51 21.58 -4.77
C LYS E 117 -20.07 20.50 -5.74
N ASP E 118 -19.24 20.01 -6.67
CA ASP E 118 -19.63 18.95 -7.61
C ASP E 118 -20.09 17.65 -6.99
N ASN E 119 -19.60 17.37 -5.79
CA ASN E 119 -19.93 16.14 -5.08
C ASN E 119 -21.17 16.33 -4.26
N ILE E 120 -21.38 17.58 -3.84
CA ILE E 120 -22.61 18.00 -3.18
C ILE E 120 -23.74 17.77 -4.25
N THR E 121 -23.65 18.50 -5.36
CA THR E 121 -24.60 18.47 -6.46
C THR E 121 -24.67 17.12 -7.21
N LEU E 122 -23.99 16.08 -6.75
CA LEU E 122 -24.15 14.77 -7.36
C LEU E 122 -24.70 13.80 -6.33
N GLN E 123 -24.47 14.10 -5.04
CA GLN E 123 -25.02 13.25 -3.96
C GLN E 123 -26.47 13.53 -3.78
N THR E 124 -26.77 14.83 -3.68
CA THR E 124 -28.11 15.40 -3.60
C THR E 124 -29.03 14.65 -4.60
N LYS E 125 -28.71 14.74 -5.89
CA LYS E 125 -29.47 14.06 -6.95
C LYS E 125 -29.45 12.48 -6.96
N THR E 126 -28.75 11.83 -6.02
CA THR E 126 -28.74 10.34 -5.90
C THR E 126 -29.44 9.96 -4.59
N LEU E 127 -29.32 10.85 -3.59
CA LEU E 127 -29.96 10.70 -2.27
C LEU E 127 -31.48 10.92 -2.44
N GLN E 128 -31.84 12.06 -3.08
CA GLN E 128 -33.23 12.46 -3.38
C GLN E 128 -33.86 11.43 -4.32
N GLU E 129 -33.09 10.98 -5.31
CA GLU E 129 -33.55 9.96 -6.25
C GLU E 129 -33.58 8.56 -5.68
N SER E 130 -33.14 8.38 -4.44
CA SER E 130 -33.28 7.08 -3.76
C SER E 130 -34.25 7.21 -2.60
N LEU E 131 -34.56 8.46 -2.23
CA LEU E 131 -35.57 8.76 -1.24
C LEU E 131 -36.87 8.55 -2.03
N GLU E 132 -36.99 9.21 -3.18
CA GLU E 132 -38.15 9.12 -4.07
C GLU E 132 -38.39 7.69 -4.60
N THR E 133 -37.33 6.95 -4.92
CA THR E 133 -37.51 5.58 -5.42
C THR E 133 -37.81 4.55 -4.31
N GLN E 134 -37.43 4.86 -3.06
CA GLN E 134 -37.75 3.95 -1.94
C GLN E 134 -39.23 4.19 -1.56
N GLU E 135 -39.62 5.48 -1.51
CA GLU E 135 -40.97 5.93 -1.20
C GLU E 135 -41.95 5.37 -2.24
N VAL E 136 -41.94 5.97 -3.43
CA VAL E 136 -42.87 5.66 -4.55
C VAL E 136 -42.73 4.21 -5.23
N VAL E 137 -41.94 3.30 -4.63
CA VAL E 137 -41.87 1.87 -5.07
C VAL E 137 -42.20 0.93 -3.85
N ALA E 138 -42.06 1.44 -2.61
CA ALA E 138 -42.53 0.68 -1.42
C ALA E 138 -43.95 1.12 -0.93
N GLN E 139 -44.47 2.20 -1.54
CA GLN E 139 -45.86 2.70 -1.35
C GLN E 139 -46.76 2.15 -2.48
N GLU E 140 -46.10 1.52 -3.47
CA GLU E 140 -46.69 0.77 -4.61
C GLU E 140 -46.53 -0.75 -4.30
N GLN E 141 -46.18 -1.02 -3.03
CA GLN E 141 -46.07 -2.34 -2.38
C GLN E 141 -47.09 -2.30 -1.18
N LYS E 142 -47.42 -1.07 -0.76
CA LYS E 142 -48.46 -0.76 0.24
C LYS E 142 -49.83 -0.76 -0.48
N ASP E 143 -49.78 -0.49 -1.80
CA ASP E 143 -50.93 -0.53 -2.74
C ASP E 143 -50.95 -1.85 -3.58
N LEU E 144 -50.09 -2.81 -3.19
CA LEU E 144 -50.05 -4.18 -3.75
C LEU E 144 -50.29 -5.16 -2.57
N ARG E 145 -50.68 -4.56 -1.43
CA ARG E 145 -51.08 -5.20 -0.14
C ARG E 145 -52.53 -4.76 0.18
N ILE E 146 -52.88 -3.54 -0.24
CA ILE E 146 -54.25 -2.95 -0.16
C ILE E 146 -55.11 -3.51 -1.32
N LYS E 147 -54.47 -3.74 -2.48
CA LYS E 147 -55.07 -4.38 -3.67
C LYS E 147 -55.05 -5.92 -3.52
N GLN E 148 -54.25 -6.42 -2.57
CA GLN E 148 -54.24 -7.83 -2.14
C GLN E 148 -55.39 -7.96 -1.12
N ILE E 149 -55.72 -6.83 -0.46
CA ILE E 149 -56.86 -6.72 0.48
C ILE E 149 -58.19 -6.41 -0.27
N GLU E 150 -58.09 -6.10 -1.58
CA GLU E 150 -59.27 -5.86 -2.46
C GLU E 150 -59.51 -7.06 -3.39
N GLU E 151 -59.65 -6.80 -4.71
CA GLU E 151 -59.94 -7.83 -5.73
C GLU E 151 -58.92 -8.96 -5.84
N ALA E 202 -33.33 3.75 9.50
CA ALA E 202 -33.30 5.22 9.61
C ALA E 202 -33.13 5.86 8.23
N TYR E 203 -34.27 6.03 7.57
CA TYR E 203 -34.33 6.53 6.20
C TYR E 203 -34.87 7.95 6.26
N TYR E 204 -35.34 8.31 7.47
CA TYR E 204 -35.78 9.66 7.82
C TYR E 204 -34.48 10.45 8.01
N GLN E 205 -33.44 9.74 8.48
CA GLN E 205 -32.05 10.22 8.68
C GLN E 205 -31.40 10.63 7.37
N THR E 206 -31.78 9.94 6.27
CA THR E 206 -31.35 10.24 4.89
C THR E 206 -31.80 11.69 4.50
N LYS E 207 -32.90 12.14 5.10
CA LYS E 207 -33.36 13.53 4.95
C LYS E 207 -32.59 14.44 5.92
N GLN E 208 -32.27 13.94 7.11
CA GLN E 208 -31.51 14.70 8.14
C GLN E 208 -30.12 14.99 7.60
N THR E 209 -29.53 13.93 6.99
CA THR E 209 -28.23 13.96 6.31
C THR E 209 -28.34 15.11 5.34
N LEU E 210 -29.35 15.02 4.45
CA LEU E 210 -29.64 16.02 3.41
C LEU E 210 -29.78 17.48 3.90
N LEU E 211 -30.15 17.67 5.17
CA LEU E 211 -30.26 19.01 5.78
C LEU E 211 -28.88 19.50 6.23
N ASP E 212 -28.05 18.55 6.70
CA ASP E 212 -26.65 18.82 7.09
C ASP E 212 -25.84 19.13 5.85
N ILE E 213 -26.14 18.38 4.78
CA ILE E 213 -25.61 18.54 3.43
C ILE E 213 -25.94 19.96 2.92
N LYS E 214 -27.22 20.36 3.06
CA LYS E 214 -27.71 21.68 2.70
C LYS E 214 -27.09 22.77 3.58
N ASN E 215 -26.81 22.43 4.85
CA ASN E 215 -26.12 23.32 5.79
C ASN E 215 -24.60 23.06 5.88
N LEU E 216 -24.00 22.62 4.75
CA LEU E 216 -22.53 22.35 4.63
C LEU E 216 -21.83 23.24 3.62
N LYS E 217 -21.92 24.55 3.86
CA LYS E 217 -21.21 25.53 3.06
C LYS E 217 -19.82 25.52 3.69
N VAL E 218 -18.78 25.37 2.86
CA VAL E 218 -17.37 25.34 3.32
C VAL E 218 -16.54 26.44 2.65
N THR E 219 -15.99 27.31 3.49
CA THR E 219 -15.13 28.43 3.10
C THR E 219 -13.86 27.96 2.37
N ALA E 220 -13.44 28.74 1.37
CA ALA E 220 -12.24 28.51 0.55
C ALA E 220 -10.94 28.65 1.37
N ASP E 221 -10.95 29.67 2.24
CA ASP E 221 -9.84 30.06 3.14
C ASP E 221 -9.24 29.01 4.07
N THR E 222 -10.01 27.95 4.35
CA THR E 222 -9.61 26.89 5.30
C THR E 222 -8.59 25.89 4.71
N VAL E 223 -8.85 25.54 3.46
CA VAL E 223 -8.09 24.52 2.75
C VAL E 223 -6.62 24.89 2.41
N HIS E 224 -5.72 24.10 2.99
CA HIS E 224 -4.29 24.15 2.70
C HIS E 224 -3.86 22.78 2.23
N VAL E 225 -3.05 22.78 1.18
CA VAL E 225 -2.73 21.54 0.51
C VAL E 225 -1.33 20.96 0.83
N TYR E 226 -0.49 21.75 1.47
CA TYR E 226 0.83 21.33 1.90
C TYR E 226 1.14 21.97 3.23
N ARG E 227 2.15 21.44 3.90
CA ARG E 227 2.66 21.94 5.16
C ARG E 227 4.14 22.02 4.90
N TYR E 228 4.81 23.02 5.45
CA TYR E 228 6.28 23.08 5.36
C TYR E 228 6.91 22.12 6.35
N VAL E 229 8.13 21.70 6.05
CA VAL E 229 8.92 20.83 6.93
C VAL E 229 10.09 21.70 7.19
N MSE E 230 10.36 22.55 6.20
CA MSE E 230 11.41 23.56 6.14
C MSE E 230 10.98 24.58 5.12
O MSE E 230 10.73 24.23 3.95
CB MSE E 230 12.74 22.96 5.76
CG MSE E 230 13.70 23.92 5.06
SE MSE E 230 15.55 23.20 4.86
CE MSE E 230 15.75 23.32 6.87
N LYS E 231 10.87 25.84 5.59
CA LYS E 231 10.53 27.02 4.79
C LYS E 231 11.75 27.29 3.87
N PRO E 232 11.53 27.86 2.66
CA PRO E 232 12.64 28.01 1.70
C PRO E 232 13.83 28.80 2.22
N THR E 233 15.01 28.28 1.91
CA THR E 233 16.28 28.74 2.40
C THR E 233 16.87 29.89 1.63
N LEU E 234 17.77 30.61 2.31
CA LEU E 234 18.55 31.63 1.68
C LEU E 234 19.92 30.99 1.34
N PRO E 235 20.23 30.83 0.05
CA PRO E 235 21.50 30.17 -0.33
C PRO E 235 22.65 31.04 0.08
N VAL E 236 23.67 30.42 0.64
CA VAL E 236 24.79 31.20 1.10
C VAL E 236 25.87 31.17 0.04
N ARG E 237 26.21 30.01 -0.50
CA ARG E 237 27.15 29.87 -1.64
C ARG E 237 26.30 30.07 -2.94
N ARG E 238 26.90 30.27 -4.10
CA ARG E 238 26.13 30.33 -5.37
C ARG E 238 26.40 29.01 -6.09
N ASP E 239 25.62 28.66 -7.10
CA ASP E 239 25.78 27.34 -7.73
C ASP E 239 27.05 27.32 -8.57
N SER E 240 27.74 26.17 -8.62
CA SER E 240 28.95 26.01 -9.44
C SER E 240 28.60 25.15 -10.65
N PRO E 241 29.02 25.56 -11.88
CA PRO E 241 28.58 24.84 -13.12
C PRO E 241 29.39 23.62 -13.58
#